data_7S0G
#
_entry.id   7S0G
#
_cell.length_a   1.00
_cell.length_b   1.00
_cell.length_c   1.00
_cell.angle_alpha   90.00
_cell.angle_beta   90.00
_cell.angle_gamma   90.00
#
_symmetry.space_group_name_H-M   'P 1'
#
loop_
_entity.id
_entity.type
_entity.pdbx_description
1 polymer 'Beta1-Adrenergic Receptor'
2 polymer 'Guanine nucleotide-binding protein G(I)/G(S)/G(T) subunit beta-1'
3 polymer 'Guanine nucleotide-binding protein G(i) subunit alpha-1,Guanine nucleotide-binding protein G(s) subunit alpha isoforms short chimera'
4 polymer 'Guanine nucleotide-binding protein G(I)/G(S)/G(O) subunit gamma-2'
5 non-polymer ISOPRENALINE
#
loop_
_entity_poly.entity_id
_entity_poly.type
_entity_poly.pdbx_seq_one_letter_code
_entity_poly.pdbx_strand_id
1 'polypeptide(L)'
;MKTIIALSYIFCLVFADYKDDDDKLEVLFQGPNIFEMLRIDEGLRLKIYKDTEGYYTIGIGHLLTKSPSLNAAKSELDKA
IGRNTNGVITKDEAEKLFNQDVDAAVRGILRNAKLKPVYDSLDAVRRAALINMVFQMGETGVAGFTNSLRMLQQKRWDEA
AVNLAKSRWYNQTPNRAKRVITTFRTGTWDAYAAGAELLSQQWEAGMSLLMALVVLLIVAGNVLVIAAIGSTQRLQTLTN
LFITSLACADLVVGLLVVPFGATLVVRGTWLWGSFLCELWTSLDVLCVTASIETLCVIAIDRYLAITSPFRYQSLMTRAR
AKVIICTVWAISALVSFLPIMMHWWRDEDPQALKCYQDPGCCDFVTNRAYAIASSIISFYIPLLIMIFVYLRVYREAKEQ
IRKIDRCEGRFREHKALKTLGIIMGVFTLCWLPFFLVNIVNVFNRDLVPDWLFVFFNWLGYANSAFNPIIYCRSPDFRKA
FKRLLCFPRKADRRLEVLFQGPHHHHHH
;
R
2 'polypeptide(L)'
;SELDQLRQEAEQLKNQIRDARKACADATLSQITNNIDPVGRIQMRTRRTLRGHLAKIYAMHWGTDSRLLVSASQDGKLII
WDSYTTNKVHAIPLRSSWVMTCAYAPSGNYVACGGLDNICSIYNLKTREGNVRVSRELAGHTGYLSCCRFLDDNQIVTSS
GDTTCALWDIETGQQTTTFTGHTGDVMSLSLAPDTRLFVSGACDASAKLWDVREGMCRQTFTGHESDINAICFFPNGNAF
ATGSDDATCRLFDLRADQELMTYSHDNIICGITSVSFSKSGRLLLAGYDDFNCNVWDALKADRAGVLAGHDNRVSCLGVT
DDGMAVATGSWDSFLKIWN
;
B
3 'polypeptide(L)'
;MGSSHHHHHHSSGLEVLFQGPHMASMGCTLSAEDKAAVERSKMIDRNLREDGEKAAREVKLLLLGAGESGKSTIVKQMKI
IHEAGYSEEECKQYKAVVYSNTIQSIIAIIRAMGRLKIDFGDAARADDARQLFVLAGAAEEGFMTAELAGVIKRLWKDSG
VQACFNRSREYQLNDSAAYYLNDLDRIAQPNYIPTQQDVLRTRVKTTGIVETHFTFKDLHFKMFDVGAQRSERKKWIHCF
EGVTAIIFCVALSDYDLVLAEDEEMNRMHESMKLFDSICNNKWFTDTSIILFLNKKDLFEEKIKKSPLTICYPEYAGSNT
YEEAAAYIQCQFEDLNKRKDTKEIYTHFTCATDTKNVQFVFDAVTDVIQRMHLRQYELL
;
A
4 'polypeptide(L)' MASNNTASIAQARKLVEQLKMEANIDRIKVSKAAADLMAYCEAHAKEDPLLTPVPASENPFREKKFFSAIL G
#
loop_
_chem_comp.id
_chem_comp.type
_chem_comp.name
_chem_comp.formula
5FW non-polymer ISOPRENALINE 'C11 H17 N O3'
#
# COMPACT_ATOMS: atom_id res chain seq x y z
N TRP A 203 4.38 43.57 -36.25
CA TRP A 203 4.07 42.22 -36.71
C TRP A 203 4.88 41.19 -35.93
N GLU A 204 6.21 41.31 -36.01
CA GLU A 204 7.07 40.36 -35.31
C GLU A 204 6.90 40.47 -33.80
N ALA A 205 6.64 41.68 -33.30
CA ALA A 205 6.43 41.86 -31.86
C ALA A 205 5.24 41.06 -31.37
N GLY A 206 4.23 40.88 -32.22
CA GLY A 206 3.06 40.12 -31.81
C GLY A 206 3.34 38.63 -31.70
N MET A 207 4.13 38.09 -32.62
CA MET A 207 4.44 36.68 -32.63
C MET A 207 5.55 36.30 -31.67
N SER A 208 6.40 37.26 -31.28
CA SER A 208 7.48 36.96 -30.34
C SER A 208 6.92 36.46 -29.01
N LEU A 209 5.99 37.21 -28.43
CA LEU A 209 5.39 36.79 -27.16
C LEU A 209 4.64 35.47 -27.30
N LEU A 210 3.98 35.27 -28.45
CA LEU A 210 3.28 34.01 -28.66
C LEU A 210 4.24 32.84 -28.63
N MET A 211 5.33 32.93 -29.40
CA MET A 211 6.30 31.84 -29.42
C MET A 211 6.93 31.63 -28.06
N ALA A 212 7.22 32.72 -27.35
CA ALA A 212 7.82 32.61 -26.02
C ALA A 212 6.88 31.88 -25.07
N LEU A 213 5.61 32.27 -25.04
CA LEU A 213 4.65 31.60 -24.19
C LEU A 213 4.52 30.13 -24.57
N VAL A 214 4.52 29.84 -25.87
CA VAL A 214 4.38 28.45 -26.31
C VAL A 214 5.54 27.61 -25.78
N VAL A 215 6.77 28.09 -25.98
CA VAL A 215 7.93 27.31 -25.56
C VAL A 215 7.94 27.17 -24.05
N LEU A 216 7.57 28.23 -23.33
CA LEU A 216 7.56 28.17 -21.87
C LEU A 216 6.55 27.15 -21.39
N LEU A 217 5.34 27.16 -21.96
CA LEU A 217 4.33 26.19 -21.58
C LEU A 217 4.79 24.77 -21.87
N ILE A 218 5.37 24.55 -23.05
CA ILE A 218 5.87 23.22 -23.40
C ILE A 218 6.86 22.74 -22.36
N VAL A 219 7.91 23.54 -22.11
CA VAL A 219 8.96 23.10 -21.20
C VAL A 219 8.39 22.88 -19.80
N ALA A 220 7.54 23.79 -19.33
CA ALA A 220 6.97 23.65 -17.99
C ALA A 220 6.18 22.37 -17.87
N GLY A 221 5.23 22.14 -18.76
CA GLY A 221 4.41 20.95 -18.68
C GLY A 221 5.25 19.68 -18.74
N ASN A 222 6.18 19.62 -19.69
CA ASN A 222 6.96 18.39 -19.87
C ASN A 222 7.86 18.12 -18.67
N VAL A 223 8.59 19.14 -18.20
CA VAL A 223 9.48 18.94 -17.07
C VAL A 223 8.68 18.60 -15.82
N LEU A 224 7.50 19.20 -15.65
CA LEU A 224 6.66 18.88 -14.51
C LEU A 224 6.23 17.43 -14.56
N VAL A 225 5.80 16.95 -15.73
CA VAL A 225 5.38 15.56 -15.84
C VAL A 225 6.56 14.62 -15.55
N ILE A 226 7.73 14.93 -16.10
CA ILE A 226 8.90 14.09 -15.88
C ILE A 226 9.23 14.02 -14.40
N ALA A 227 9.25 15.18 -13.74
CA ALA A 227 9.59 15.21 -12.32
C ALA A 227 8.55 14.46 -11.49
N ALA A 228 7.27 14.61 -11.83
CA ALA A 228 6.22 13.91 -11.10
C ALA A 228 6.38 12.40 -11.24
N ILE A 229 6.66 11.93 -12.46
CA ILE A 229 6.79 10.49 -12.66
C ILE A 229 8.06 9.96 -11.99
N GLY A 230 9.10 10.79 -11.92
CA GLY A 230 10.35 10.33 -11.35
C GLY A 230 10.38 10.37 -9.84
N SER A 231 9.60 11.27 -9.23
CA SER A 231 9.65 11.44 -7.78
C SER A 231 8.90 10.33 -7.06
N THR A 232 7.60 10.21 -7.31
CA THR A 232 6.76 9.26 -6.61
C THR A 232 6.96 7.85 -7.16
N GLN A 233 6.83 6.86 -6.26
CA GLN A 233 7.00 5.47 -6.67
C GLN A 233 5.70 4.89 -7.22
N ARG A 234 4.57 5.31 -6.67
CA ARG A 234 3.28 4.82 -7.17
C ARG A 234 3.11 5.12 -8.64
N LEU A 235 3.64 6.26 -9.10
CA LEU A 235 3.49 6.63 -10.51
C LEU A 235 4.38 5.79 -11.40
N GLN A 236 5.41 5.15 -10.85
CA GLN A 236 6.35 4.36 -11.65
C GLN A 236 5.67 3.05 -12.05
N THR A 237 4.84 3.15 -13.08
CA THR A 237 4.12 2.02 -13.64
C THR A 237 4.59 1.76 -15.07
N LEU A 238 3.91 0.84 -15.76
CA LEU A 238 4.29 0.53 -17.13
C LEU A 238 4.00 1.69 -18.07
N THR A 239 2.72 2.06 -18.19
CA THR A 239 2.34 3.13 -19.12
C THR A 239 3.08 4.42 -18.82
N ASN A 240 3.38 4.68 -17.55
CA ASN A 240 4.10 5.90 -17.19
C ASN A 240 5.49 5.93 -17.80
N LEU A 241 6.05 4.77 -18.17
CA LEU A 241 7.33 4.78 -18.87
C LEU A 241 7.18 5.40 -20.26
N PHE A 242 6.18 4.98 -21.02
CA PHE A 242 5.93 5.60 -22.31
C PHE A 242 5.57 7.08 -22.15
N ILE A 243 4.82 7.40 -21.09
CA ILE A 243 4.48 8.79 -20.84
C ILE A 243 5.75 9.61 -20.61
N THR A 244 6.71 9.04 -19.87
CA THR A 244 7.96 9.73 -19.63
C THR A 244 8.76 9.89 -20.92
N SER A 245 8.74 8.87 -21.78
CA SER A 245 9.41 9.00 -23.07
C SER A 245 8.82 10.15 -23.87
N LEU A 246 7.48 10.21 -23.94
CA LEU A 246 6.83 11.29 -24.67
C LEU A 246 7.18 12.65 -24.07
N ALA A 247 7.16 12.74 -22.73
CA ALA A 247 7.47 14.00 -22.07
C ALA A 247 8.90 14.42 -22.35
N CYS A 248 9.83 13.47 -22.38
CA CYS A 248 11.23 13.80 -22.67
C CYS A 248 11.38 14.28 -24.11
N ALA A 249 10.71 13.62 -25.05
CA ALA A 249 10.76 14.08 -26.43
C ALA A 249 10.22 15.50 -26.55
N ASP A 250 9.08 15.77 -25.92
CA ASP A 250 8.49 17.11 -26.00
C ASP A 250 9.38 18.13 -25.30
N LEU A 251 10.08 17.71 -24.24
CA LEU A 251 11.01 18.60 -23.56
C LEU A 251 12.17 18.96 -24.47
N VAL A 252 12.73 17.96 -25.17
CA VAL A 252 13.78 18.25 -26.14
C VAL A 252 13.26 19.20 -27.21
N VAL A 253 12.01 19.00 -27.63
CA VAL A 253 11.39 19.94 -28.58
C VAL A 253 11.48 21.35 -28.04
N GLY A 254 10.80 21.59 -26.90
CA GLY A 254 10.77 22.92 -26.32
C GLY A 254 12.15 23.47 -25.97
N LEU A 255 13.15 22.61 -25.86
CA LEU A 255 14.49 23.05 -25.50
C LEU A 255 15.27 23.52 -26.72
N LEU A 256 15.22 22.77 -27.81
CA LEU A 256 16.09 23.03 -28.95
C LEU A 256 15.33 23.45 -30.21
N VAL A 257 14.21 22.82 -30.53
CA VAL A 257 13.57 23.07 -31.82
C VAL A 257 12.77 24.37 -31.80
N VAL A 258 11.89 24.52 -30.81
CA VAL A 258 10.98 25.66 -30.77
C VAL A 258 11.76 26.98 -30.76
N PRO A 259 12.80 27.12 -29.93
CA PRO A 259 13.53 28.41 -29.93
C PRO A 259 14.08 28.78 -31.29
N PHE A 260 14.76 27.85 -31.96
CA PHE A 260 15.34 28.16 -33.26
C PHE A 260 14.27 28.50 -34.27
N GLY A 261 13.17 27.74 -34.29
CA GLY A 261 12.09 28.04 -35.22
C GLY A 261 11.48 29.41 -34.98
N ALA A 262 11.25 29.76 -33.71
CA ALA A 262 10.72 31.07 -33.39
C ALA A 262 11.67 32.18 -33.86
N THR A 263 12.96 32.02 -33.56
CA THR A 263 13.94 33.01 -33.98
C THR A 263 13.96 33.15 -35.51
N LEU A 264 13.88 32.03 -36.22
CA LEU A 264 13.87 32.08 -37.67
C LEU A 264 12.64 32.83 -38.17
N VAL A 265 11.47 32.49 -37.65
CA VAL A 265 10.24 33.09 -38.18
C VAL A 265 10.17 34.57 -37.85
N VAL A 266 10.74 34.99 -36.72
CA VAL A 266 10.70 36.41 -36.39
C VAL A 266 11.76 37.17 -37.19
N ARG A 267 12.91 36.55 -37.44
CA ARG A 267 13.95 37.21 -38.23
C ARG A 267 13.68 37.11 -39.71
N GLY A 268 13.12 35.98 -40.16
CA GLY A 268 12.85 35.76 -41.57
C GLY A 268 13.93 35.06 -42.33
N THR A 269 15.10 34.84 -41.73
CA THR A 269 16.19 34.15 -42.39
C THR A 269 17.00 33.39 -41.36
N TRP A 270 17.66 32.32 -41.81
CA TRP A 270 18.49 31.49 -40.94
C TRP A 270 19.83 32.17 -40.75
N LEU A 271 20.18 32.45 -39.50
CA LEU A 271 21.36 33.23 -39.15
C LEU A 271 22.44 32.40 -38.47
N TRP A 272 22.27 31.09 -38.34
CA TRP A 272 23.24 30.26 -37.65
C TRP A 272 24.26 29.64 -38.59
N GLY A 273 23.81 28.84 -39.54
CA GLY A 273 24.69 28.20 -40.49
C GLY A 273 24.06 26.96 -41.07
N SER A 274 24.60 26.52 -42.20
CA SER A 274 24.07 25.34 -42.88
C SER A 274 24.18 24.10 -42.00
N PHE A 275 25.32 23.93 -41.33
CA PHE A 275 25.47 22.81 -40.41
C PHE A 275 24.39 22.84 -39.33
N LEU A 276 24.22 23.99 -38.68
CA LEU A 276 23.19 24.10 -37.65
C LEU A 276 21.79 24.00 -38.25
N CYS A 277 21.60 24.45 -39.49
CA CYS A 277 20.32 24.27 -40.15
C CYS A 277 19.98 22.79 -40.28
N GLU A 278 20.91 22.00 -40.79
CA GLU A 278 20.67 20.55 -40.90
C GLU A 278 20.48 19.93 -39.53
N LEU A 279 21.26 20.36 -38.53
CA LEU A 279 21.11 19.82 -37.19
C LEU A 279 19.70 20.08 -36.66
N TRP A 280 19.21 21.31 -36.81
CA TRP A 280 17.89 21.67 -36.31
C TRP A 280 16.81 20.89 -37.05
N THR A 281 16.94 20.75 -38.37
CA THR A 281 15.95 20.00 -39.13
C THR A 281 15.92 18.54 -38.67
N SER A 282 17.10 17.94 -38.50
CA SER A 282 17.15 16.54 -38.07
C SER A 282 16.55 16.37 -36.68
N LEU A 283 16.87 17.27 -35.76
CA LEU A 283 16.32 17.17 -34.41
C LEU A 283 14.81 17.34 -34.43
N ASP A 284 14.31 18.27 -35.23
CA ASP A 284 12.87 18.46 -35.35
C ASP A 284 12.20 17.18 -35.85
N VAL A 285 12.74 16.60 -36.91
CA VAL A 285 12.15 15.37 -37.45
C VAL A 285 12.17 14.27 -36.41
N LEU A 286 13.32 14.07 -35.77
CA LEU A 286 13.43 13.03 -34.75
C LEU A 286 12.40 13.23 -33.65
N CYS A 287 12.29 14.45 -33.13
CA CYS A 287 11.41 14.68 -32.00
C CYS A 287 9.95 14.51 -32.39
N VAL A 288 9.54 15.04 -33.55
CA VAL A 288 8.16 14.88 -33.98
C VAL A 288 7.82 13.40 -34.14
N THR A 289 8.70 12.67 -34.83
CA THR A 289 8.44 11.24 -35.04
C THR A 289 8.40 10.49 -33.72
N ALA A 290 9.28 10.83 -32.79
CA ALA A 290 9.30 10.16 -31.50
C ALA A 290 8.01 10.43 -30.73
N SER A 291 7.53 11.67 -30.75
CA SER A 291 6.28 11.99 -30.08
C SER A 291 5.13 11.18 -30.65
N ILE A 292 4.99 11.20 -31.98
CA ILE A 292 3.84 10.52 -32.59
C ILE A 292 3.94 9.03 -32.37
N GLU A 293 5.15 8.47 -32.41
CA GLU A 293 5.30 7.03 -32.23
C GLU A 293 5.08 6.63 -30.78
N THR A 294 5.47 7.47 -29.82
CA THR A 294 5.12 7.20 -28.43
C THR A 294 3.61 7.21 -28.25
N LEU A 295 2.92 8.13 -28.94
CA LEU A 295 1.46 8.14 -28.87
C LEU A 295 0.89 6.83 -29.42
N CYS A 296 1.39 6.38 -30.57
CA CYS A 296 0.83 5.17 -31.17
C CYS A 296 1.11 3.95 -30.30
N VAL A 297 2.31 3.87 -29.72
CA VAL A 297 2.61 2.71 -28.88
C VAL A 297 1.79 2.76 -27.59
N ILE A 298 1.52 3.96 -27.06
CA ILE A 298 0.63 4.05 -25.90
C ILE A 298 -0.76 3.54 -26.26
N ALA A 299 -1.24 3.91 -27.44
CA ALA A 299 -2.56 3.42 -27.86
C ALA A 299 -2.55 1.90 -28.01
N ILE A 300 -1.49 1.35 -28.63
CA ILE A 300 -1.38 -0.10 -28.77
C ILE A 300 -1.38 -0.77 -27.40
N ASP A 301 -0.66 -0.18 -26.45
CA ASP A 301 -0.61 -0.74 -25.11
C ASP A 301 -1.98 -0.74 -24.45
N ARG A 302 -2.68 0.39 -24.51
CA ARG A 302 -4.02 0.45 -23.94
C ARG A 302 -4.92 -0.62 -24.56
N TYR A 303 -4.88 -0.76 -25.89
CA TYR A 303 -5.74 -1.75 -26.54
C TYR A 303 -5.38 -3.16 -26.09
N LEU A 304 -4.10 -3.50 -26.12
CA LEU A 304 -3.69 -4.84 -25.69
C LEU A 304 -4.13 -5.12 -24.26
N ALA A 305 -4.01 -4.12 -23.38
CA ALA A 305 -4.34 -4.33 -21.97
C ALA A 305 -5.84 -4.52 -21.77
N ILE A 306 -6.65 -3.69 -22.44
CA ILE A 306 -8.08 -3.74 -22.17
C ILE A 306 -8.74 -4.91 -22.90
N THR A 307 -8.18 -5.34 -24.04
CA THR A 307 -8.82 -6.41 -24.79
C THR A 307 -8.50 -7.77 -24.20
N SER A 308 -7.27 -7.96 -23.70
CA SER A 308 -6.86 -9.21 -23.08
C SER A 308 -5.96 -8.88 -21.91
N PRO A 309 -6.50 -8.81 -20.70
CA PRO A 309 -5.68 -8.34 -19.57
C PRO A 309 -4.60 -9.32 -19.15
N PHE A 310 -4.89 -10.62 -19.19
CA PHE A 310 -3.93 -11.60 -18.68
C PHE A 310 -2.70 -11.70 -19.58
N ARG A 311 -2.91 -11.81 -20.90
CA ARG A 311 -1.78 -11.89 -21.81
C ARG A 311 -0.91 -10.66 -21.68
N TYR A 312 -1.51 -9.48 -21.54
CA TYR A 312 -0.73 -8.26 -21.41
C TYR A 312 0.01 -8.21 -20.08
N GLN A 313 -0.63 -8.67 -19.00
CA GLN A 313 0.03 -8.71 -17.70
C GLN A 313 1.21 -9.65 -17.73
N SER A 314 1.12 -10.74 -18.48
CA SER A 314 2.19 -11.74 -18.50
C SER A 314 3.33 -11.29 -19.41
N LEU A 315 3.02 -10.92 -20.66
CA LEU A 315 4.07 -10.61 -21.62
C LEU A 315 4.80 -9.32 -21.25
N MET A 316 4.05 -8.24 -21.06
CA MET A 316 4.67 -6.93 -20.84
C MET A 316 5.52 -6.93 -19.58
N THR A 317 6.68 -6.29 -19.67
CA THR A 317 7.56 -6.12 -18.52
C THR A 317 8.42 -4.89 -18.74
N ARG A 318 9.01 -4.39 -17.66
CA ARG A 318 9.82 -3.17 -17.76
C ARG A 318 10.93 -3.33 -18.78
N ALA A 319 11.54 -4.51 -18.86
CA ALA A 319 12.59 -4.74 -19.84
C ALA A 319 12.05 -4.60 -21.25
N ARG A 320 10.91 -5.24 -21.53
CA ARG A 320 10.34 -5.15 -22.87
C ARG A 320 9.82 -3.74 -23.17
N ALA A 321 9.35 -3.02 -22.15
CA ALA A 321 8.96 -1.64 -22.36
C ALA A 321 10.17 -0.79 -22.77
N LYS A 322 11.28 -0.95 -22.07
CA LYS A 322 12.50 -0.26 -22.46
C LYS A 322 12.92 -0.66 -23.86
N VAL A 323 12.77 -1.94 -24.20
CA VAL A 323 13.13 -2.40 -25.54
C VAL A 323 12.29 -1.70 -26.59
N ILE A 324 10.98 -1.61 -26.36
CA ILE A 324 10.10 -0.97 -27.34
C ILE A 324 10.42 0.50 -27.46
N ILE A 325 10.69 1.18 -26.35
CA ILE A 325 11.03 2.59 -26.40
C ILE A 325 12.32 2.80 -27.19
N CYS A 326 13.32 1.94 -26.94
CA CYS A 326 14.57 2.04 -27.68
C CYS A 326 14.35 1.79 -29.16
N THR A 327 13.49 0.82 -29.51
CA THR A 327 13.20 0.55 -30.92
C THR A 327 12.54 1.76 -31.57
N VAL A 328 11.59 2.39 -30.89
CA VAL A 328 10.91 3.56 -31.45
C VAL A 328 11.92 4.69 -31.68
N TRP A 329 12.73 4.98 -30.66
CA TRP A 329 13.70 6.06 -30.81
C TRP A 329 14.73 5.74 -31.89
N ALA A 330 15.08 4.46 -32.05
CA ALA A 330 16.03 4.09 -33.10
C ALA A 330 15.41 4.26 -34.48
N ILE A 331 14.14 3.89 -34.63
CA ILE A 331 13.46 4.12 -35.90
C ILE A 331 13.44 5.62 -36.21
N SER A 332 13.15 6.43 -35.20
CA SER A 332 13.14 7.88 -35.40
C SER A 332 14.51 8.37 -35.85
N ALA A 333 15.57 7.96 -35.16
CA ALA A 333 16.92 8.37 -35.54
C ALA A 333 17.24 7.93 -36.96
N LEU A 334 16.91 6.67 -37.31
CA LEU A 334 17.23 6.16 -38.63
C LEU A 334 16.50 6.92 -39.71
N VAL A 335 15.26 7.34 -39.45
CA VAL A 335 14.49 8.04 -40.48
C VAL A 335 14.74 9.55 -40.46
N SER A 336 15.45 10.06 -39.46
CA SER A 336 15.70 11.50 -39.36
C SER A 336 17.15 11.87 -39.67
N PHE A 337 18.12 11.30 -38.95
CA PHE A 337 19.51 11.74 -39.11
C PHE A 337 20.10 11.24 -40.43
N LEU A 338 20.18 9.91 -40.59
CA LEU A 338 20.92 9.34 -41.71
C LEU A 338 20.44 9.88 -43.05
N PRO A 339 19.17 9.72 -43.44
CA PRO A 339 18.75 10.24 -44.74
C PRO A 339 19.01 11.72 -44.91
N ILE A 340 18.98 12.49 -43.81
CA ILE A 340 19.28 13.92 -43.89
C ILE A 340 20.77 14.12 -44.10
N MET A 341 21.60 13.56 -43.21
CA MET A 341 23.04 13.74 -43.32
C MET A 341 23.54 13.33 -44.71
N MET A 342 22.95 12.28 -45.28
CA MET A 342 23.36 11.82 -46.60
C MET A 342 22.88 12.74 -47.72
N HIS A 343 22.18 13.82 -47.41
CA HIS A 343 21.64 14.75 -48.40
C HIS A 343 20.61 14.10 -49.30
N TRP A 344 20.05 12.97 -48.90
CA TRP A 344 19.05 12.30 -49.72
C TRP A 344 17.73 13.04 -49.71
N TRP A 345 17.50 13.90 -48.71
CA TRP A 345 16.28 14.70 -48.70
C TRP A 345 16.34 15.79 -49.76
N ARG A 346 17.53 16.27 -50.11
CA ARG A 346 17.66 17.27 -51.15
C ARG A 346 17.20 16.71 -52.49
N ASP A 347 16.93 17.61 -53.43
CA ASP A 347 16.52 17.24 -54.78
C ASP A 347 17.36 18.00 -55.80
N GLU A 348 16.98 17.84 -57.07
CA GLU A 348 17.72 18.43 -58.18
C GLU A 348 17.06 19.69 -58.74
N ASP A 349 15.91 20.09 -58.21
CA ASP A 349 15.27 21.31 -58.68
C ASP A 349 16.23 22.48 -58.51
N PRO A 350 16.50 23.25 -59.56
CA PRO A 350 17.43 24.40 -59.40
C PRO A 350 17.06 25.29 -58.23
N GLN A 351 15.76 25.50 -57.97
CA GLN A 351 15.36 26.28 -56.81
C GLN A 351 15.84 25.64 -55.51
N ALA A 352 15.74 24.31 -55.43
CA ALA A 352 16.20 23.62 -54.23
C ALA A 352 17.70 23.80 -54.03
N LEU A 353 18.49 23.63 -55.09
CA LEU A 353 19.93 23.85 -54.99
C LEU A 353 20.22 25.28 -54.56
N LYS A 354 19.52 26.25 -55.16
CA LYS A 354 19.71 27.64 -54.78
C LYS A 354 19.46 27.84 -53.29
N CYS A 355 18.37 27.28 -52.78
CA CYS A 355 18.06 27.42 -51.36
C CYS A 355 19.14 26.74 -50.50
N TYR A 356 19.67 25.62 -50.97
CA TYR A 356 20.66 24.90 -50.18
C TYR A 356 21.97 25.66 -50.10
N GLN A 357 22.44 26.19 -51.22
CA GLN A 357 23.71 26.91 -51.21
C GLN A 357 23.63 28.16 -50.32
N ASP A 358 22.53 28.88 -50.40
CA ASP A 358 22.38 30.09 -49.59
C ASP A 358 22.29 29.73 -48.12
N PRO A 359 23.14 30.32 -47.26
CA PRO A 359 23.01 30.01 -45.82
C PRO A 359 21.69 30.46 -45.23
N GLY A 360 21.12 31.57 -45.72
CA GLY A 360 19.88 32.07 -45.15
C GLY A 360 18.73 31.10 -45.32
N CYS A 361 18.56 30.56 -46.53
CA CYS A 361 17.42 29.69 -46.81
C CYS A 361 17.61 28.36 -46.09
N CYS A 362 16.89 28.18 -44.98
CA CYS A 362 16.87 26.94 -44.23
C CYS A 362 15.49 26.27 -44.34
N ASP A 363 14.80 26.51 -45.44
CA ASP A 363 13.46 25.99 -45.63
C ASP A 363 13.48 24.47 -45.70
N PHE A 364 12.28 23.88 -45.78
CA PHE A 364 12.12 22.44 -45.78
C PHE A 364 11.79 21.88 -47.15
N VAL A 365 12.06 22.64 -48.21
CA VAL A 365 11.83 22.16 -49.57
C VAL A 365 12.56 20.82 -49.72
N THR A 366 11.81 19.79 -50.09
CA THR A 366 12.35 18.43 -50.15
C THR A 366 11.85 17.72 -51.40
N ASN A 367 12.39 16.53 -51.62
CA ASN A 367 12.03 15.72 -52.79
C ASN A 367 10.73 14.97 -52.54
N ARG A 368 10.39 14.08 -53.46
CA ARG A 368 9.17 13.29 -53.32
C ARG A 368 9.40 12.09 -52.43
N ALA A 369 10.49 11.35 -52.67
CA ALA A 369 10.72 10.09 -51.97
C ALA A 369 10.77 10.30 -50.46
N TYR A 370 11.73 11.11 -50.00
CA TYR A 370 11.92 11.28 -48.56
C TYR A 370 10.69 11.90 -47.92
N ALA A 371 10.07 12.85 -48.60
CA ALA A 371 8.86 13.48 -48.06
C ALA A 371 7.79 12.42 -47.79
N ILE A 372 7.40 11.68 -48.83
CA ILE A 372 6.34 10.69 -48.68
C ILE A 372 6.75 9.66 -47.64
N ALA A 373 8.01 9.25 -47.63
CA ALA A 373 8.47 8.22 -46.72
C ALA A 373 8.34 8.67 -45.27
N SER A 374 8.95 9.81 -44.94
CA SER A 374 8.86 10.34 -43.59
C SER A 374 7.40 10.51 -43.18
N SER A 375 6.56 11.01 -44.10
CA SER A 375 5.16 11.19 -43.78
C SER A 375 4.51 9.86 -43.38
N ILE A 376 4.62 8.85 -44.26
CA ILE A 376 3.94 7.59 -44.00
C ILE A 376 4.49 6.92 -42.75
N ILE A 377 5.77 7.12 -42.46
CA ILE A 377 6.37 6.44 -41.32
C ILE A 377 6.12 7.16 -40.01
N SER A 378 5.88 8.47 -40.04
CA SER A 378 5.76 9.24 -38.80
C SER A 378 4.33 9.57 -38.41
N PHE A 379 3.42 9.76 -39.38
CA PHE A 379 2.08 10.21 -39.07
C PHE A 379 0.99 9.24 -39.51
N TYR A 380 1.04 8.76 -40.76
CA TYR A 380 -0.13 8.09 -41.33
C TYR A 380 -0.31 6.69 -40.74
N ILE A 381 0.75 5.90 -40.69
CA ILE A 381 0.65 4.57 -40.08
C ILE A 381 0.28 4.68 -38.61
N PRO A 382 0.92 5.52 -37.80
CA PRO A 382 0.44 5.75 -36.44
C PRO A 382 -1.02 6.17 -36.38
N LEU A 383 -1.46 7.02 -37.31
CA LEU A 383 -2.86 7.45 -37.30
C LEU A 383 -3.80 6.27 -37.52
N LEU A 384 -3.50 5.43 -38.51
CA LEU A 384 -4.34 4.26 -38.76
C LEU A 384 -4.34 3.33 -37.56
N ILE A 385 -3.17 3.08 -36.98
CA ILE A 385 -3.08 2.20 -35.81
C ILE A 385 -3.96 2.74 -34.68
N MET A 386 -3.82 4.04 -34.38
CA MET A 386 -4.61 4.62 -33.31
C MET A 386 -6.10 4.52 -33.60
N ILE A 387 -6.50 4.83 -34.83
CA ILE A 387 -7.92 4.77 -35.18
C ILE A 387 -8.45 3.37 -34.93
N PHE A 388 -7.77 2.36 -35.45
CA PHE A 388 -8.27 0.99 -35.31
C PHE A 388 -8.35 0.59 -33.85
N VAL A 389 -7.25 0.77 -33.10
CA VAL A 389 -7.22 0.29 -31.72
C VAL A 389 -8.25 1.04 -30.88
N TYR A 390 -8.43 2.33 -31.13
CA TYR A 390 -9.37 3.09 -30.31
C TYR A 390 -10.81 2.77 -30.68
N LEU A 391 -11.10 2.48 -31.95
CA LEU A 391 -12.43 2.01 -32.29
C LEU A 391 -12.74 0.69 -31.59
N ARG A 392 -11.77 -0.22 -31.57
CA ARG A 392 -11.98 -1.49 -30.87
C ARG A 392 -12.20 -1.26 -29.38
N VAL A 393 -11.41 -0.38 -28.77
CA VAL A 393 -11.56 -0.10 -27.35
C VAL A 393 -12.92 0.52 -27.08
N TYR A 394 -13.40 1.37 -27.99
CA TYR A 394 -14.71 1.97 -27.81
C TYR A 394 -15.81 0.92 -27.88
N ARG A 395 -15.71 -0.01 -28.83
CA ARG A 395 -16.69 -1.09 -28.89
C ARG A 395 -16.66 -1.92 -27.62
N GLU A 396 -15.46 -2.18 -27.09
CA GLU A 396 -15.35 -2.95 -25.86
C GLU A 396 -15.99 -2.22 -24.69
N ALA A 397 -15.75 -0.91 -24.58
CA ALA A 397 -16.34 -0.14 -23.49
C ALA A 397 -17.86 -0.10 -23.63
N LYS A 398 -18.37 0.02 -24.85
CA LYS A 398 -19.80 -0.01 -25.05
C LYS A 398 -20.40 -1.34 -24.61
N GLU A 399 -19.76 -2.45 -24.99
CA GLU A 399 -20.21 -3.76 -24.53
C GLU A 399 -20.21 -3.84 -23.02
N GLN A 400 -19.13 -3.37 -22.39
CA GLN A 400 -19.03 -3.45 -20.93
C GLN A 400 -20.15 -2.65 -20.26
N ILE A 401 -20.41 -1.44 -20.74
CA ILE A 401 -21.50 -0.65 -20.17
C ILE A 401 -22.83 -1.34 -20.42
N ARG A 402 -22.98 -2.02 -21.56
CA ARG A 402 -24.21 -2.76 -21.81
C ARG A 402 -24.39 -3.89 -20.80
N LYS A 403 -23.28 -4.51 -20.38
CA LYS A 403 -23.36 -5.55 -19.37
C LYS A 403 -24.01 -5.01 -18.10
N ILE A 404 -23.38 -4.02 -17.48
CA ILE A 404 -23.92 -3.39 -16.29
C ILE A 404 -25.09 -2.50 -16.67
N GLU A 413 -23.54 8.05 -19.89
CA GLU A 413 -23.60 7.00 -20.89
C GLU A 413 -22.76 7.36 -22.13
N HIS A 414 -22.27 8.60 -22.16
CA HIS A 414 -21.45 9.09 -23.26
C HIS A 414 -20.06 9.50 -22.78
N LYS A 415 -19.65 9.03 -21.60
CA LYS A 415 -18.36 9.45 -21.04
C LYS A 415 -17.20 8.91 -21.86
N ALA A 416 -17.24 7.61 -22.20
CA ALA A 416 -16.16 7.03 -22.98
C ALA A 416 -16.03 7.70 -24.34
N LEU A 417 -17.17 8.02 -24.97
CA LEU A 417 -17.14 8.67 -26.26
C LEU A 417 -16.36 9.99 -26.19
N LYS A 418 -16.65 10.81 -25.18
CA LYS A 418 -15.95 12.09 -25.04
C LYS A 418 -14.48 11.87 -24.70
N THR A 419 -14.19 10.95 -23.78
CA THR A 419 -12.81 10.72 -23.38
C THR A 419 -11.96 10.24 -24.54
N LEU A 420 -12.56 9.52 -25.49
CA LEU A 420 -11.81 9.09 -26.67
C LEU A 420 -11.76 10.18 -27.72
N GLY A 421 -12.86 10.93 -27.89
CA GLY A 421 -12.88 12.00 -28.86
C GLY A 421 -11.83 13.04 -28.56
N ILE A 422 -11.68 13.43 -27.29
CA ILE A 422 -10.62 14.36 -26.93
C ILE A 422 -9.27 13.82 -27.42
N ILE A 423 -8.91 12.63 -26.95
CA ILE A 423 -7.59 12.08 -27.22
C ILE A 423 -7.31 12.04 -28.72
N MET A 424 -8.28 11.57 -29.51
CA MET A 424 -8.03 11.41 -30.93
C MET A 424 -8.08 12.74 -31.67
N GLY A 425 -9.18 13.49 -31.50
CA GLY A 425 -9.35 14.71 -32.24
C GLY A 425 -8.30 15.76 -31.96
N VAL A 426 -7.80 15.83 -30.73
CA VAL A 426 -6.73 16.77 -30.44
C VAL A 426 -5.53 16.49 -31.34
N PHE A 427 -5.04 15.25 -31.29
CA PHE A 427 -3.91 14.86 -32.14
C PHE A 427 -4.20 15.11 -33.61
N THR A 428 -5.40 14.74 -34.07
CA THR A 428 -5.73 14.93 -35.48
C THR A 428 -5.69 16.40 -35.86
N LEU A 429 -6.58 17.20 -35.26
CA LEU A 429 -6.65 18.62 -35.57
C LEU A 429 -5.31 19.31 -35.36
N CYS A 430 -4.41 18.71 -34.58
CA CYS A 430 -3.10 19.32 -34.38
C CYS A 430 -2.15 19.02 -35.53
N TRP A 431 -2.09 17.77 -35.96
CA TRP A 431 -1.05 17.34 -36.89
C TRP A 431 -1.54 17.14 -38.33
N LEU A 432 -2.71 16.53 -38.52
CA LEU A 432 -3.15 16.17 -39.86
C LEU A 432 -3.01 17.30 -40.89
N PRO A 433 -3.34 18.55 -40.58
CA PRO A 433 -3.20 19.59 -41.61
C PRO A 433 -1.78 19.72 -42.14
N PHE A 434 -0.80 19.74 -41.25
CA PHE A 434 0.58 19.94 -41.70
C PHE A 434 1.02 18.80 -42.60
N PHE A 435 0.76 17.56 -42.21
CA PHE A 435 1.22 16.44 -43.02
C PHE A 435 0.44 16.32 -44.33
N LEU A 436 -0.84 16.70 -44.32
CA LEU A 436 -1.57 16.76 -45.57
C LEU A 436 -0.93 17.75 -46.53
N VAL A 437 -0.68 18.98 -46.06
CA VAL A 437 -0.06 19.98 -46.91
C VAL A 437 1.33 19.52 -47.33
N ASN A 438 2.03 18.80 -46.46
CA ASN A 438 3.36 18.30 -46.79
C ASN A 438 3.30 17.32 -47.95
N ILE A 439 2.47 16.28 -47.83
CA ILE A 439 2.36 15.30 -48.90
C ILE A 439 1.81 15.93 -50.16
N VAL A 440 1.08 17.05 -50.03
CA VAL A 440 0.58 17.73 -51.23
C VAL A 440 1.70 18.50 -51.91
N ASN A 441 2.57 19.14 -51.14
CA ASN A 441 3.65 19.95 -51.72
C ASN A 441 4.49 19.14 -52.69
N VAL A 442 4.60 17.83 -52.47
CA VAL A 442 5.43 17.00 -53.33
C VAL A 442 4.92 17.03 -54.76
N PHE A 443 3.63 16.78 -54.95
CA PHE A 443 3.08 16.69 -56.31
C PHE A 443 3.25 18.02 -57.04
N ASN A 444 2.73 19.10 -56.48
CA ASN A 444 2.80 20.41 -57.12
C ASN A 444 2.95 21.46 -56.03
N ARG A 445 3.98 22.30 -56.18
CA ARG A 445 4.33 23.23 -55.10
C ARG A 445 3.36 24.41 -55.03
N ASP A 446 2.95 24.93 -56.19
CA ASP A 446 2.20 26.18 -56.23
C ASP A 446 0.80 26.07 -55.63
N LEU A 447 0.35 24.86 -55.27
CA LEU A 447 -1.03 24.71 -54.81
C LEU A 447 -1.26 25.39 -53.47
N VAL A 448 -0.37 25.18 -52.51
CA VAL A 448 -0.53 25.69 -51.15
C VAL A 448 0.56 26.72 -50.89
N PRO A 449 0.24 27.87 -50.31
CA PRO A 449 1.29 28.84 -49.97
C PRO A 449 2.23 28.30 -48.90
N ASP A 450 3.22 29.14 -48.56
CA ASP A 450 4.25 28.77 -47.60
C ASP A 450 3.91 29.21 -46.18
N TRP A 451 3.36 30.41 -46.02
CA TRP A 451 2.96 30.86 -44.70
C TRP A 451 1.97 29.89 -44.08
N LEU A 452 1.04 29.36 -44.88
CA LEU A 452 0.13 28.35 -44.37
C LEU A 452 0.87 27.10 -43.93
N PHE A 453 1.90 26.71 -44.68
CA PHE A 453 2.69 25.54 -44.31
C PHE A 453 3.34 25.74 -42.95
N VAL A 454 3.94 26.93 -42.74
CA VAL A 454 4.60 27.19 -41.46
C VAL A 454 3.58 27.26 -40.33
N PHE A 455 2.41 27.84 -40.60
CA PHE A 455 1.38 27.90 -39.57
C PHE A 455 0.93 26.50 -39.17
N PHE A 456 0.74 25.62 -40.15
CA PHE A 456 0.37 24.25 -39.83
C PHE A 456 1.49 23.54 -39.08
N ASN A 457 2.74 23.84 -39.42
CA ASN A 457 3.86 23.25 -38.68
C ASN A 457 3.81 23.65 -37.22
N TRP A 458 3.54 24.93 -36.94
CA TRP A 458 3.46 25.38 -35.55
C TRP A 458 2.25 24.78 -34.86
N LEU A 459 1.13 24.68 -35.57
CA LEU A 459 -0.04 24.01 -35.00
C LEU A 459 0.30 22.58 -34.59
N GLY A 460 1.05 21.87 -35.44
CA GLY A 460 1.49 20.53 -35.09
C GLY A 460 2.38 20.53 -33.86
N TYR A 461 3.34 21.45 -33.81
CA TYR A 461 4.19 21.56 -32.63
C TYR A 461 3.33 21.71 -31.37
N ALA A 462 2.23 22.46 -31.48
CA ALA A 462 1.36 22.65 -30.32
C ALA A 462 0.89 21.33 -29.73
N ASN A 463 0.88 20.25 -30.51
CA ASN A 463 0.58 18.95 -29.95
C ASN A 463 1.56 18.58 -28.84
N SER A 464 2.81 19.06 -28.94
CA SER A 464 3.77 18.79 -27.89
C SER A 464 3.33 19.38 -26.56
N ALA A 465 2.67 20.54 -26.60
CA ALA A 465 2.17 21.15 -25.38
C ALA A 465 0.86 20.50 -24.94
N PHE A 466 0.04 20.07 -25.89
CA PHE A 466 -1.26 19.50 -25.57
C PHE A 466 -1.18 18.07 -25.03
N ASN A 467 -0.14 17.32 -25.39
CA ASN A 467 -0.11 15.90 -25.02
C ASN A 467 -0.05 15.69 -23.52
N PRO A 468 0.81 16.36 -22.75
CA PRO A 468 0.87 16.07 -21.31
C PRO A 468 -0.46 16.24 -20.60
N ILE A 469 -1.14 17.37 -20.81
CA ILE A 469 -2.40 17.61 -20.14
C ILE A 469 -3.43 16.55 -20.50
N ILE A 470 -3.30 15.94 -21.68
CA ILE A 470 -4.28 14.95 -22.11
C ILE A 470 -3.96 13.58 -21.53
N TYR A 471 -2.68 13.24 -21.40
CA TYR A 471 -2.28 11.92 -20.96
C TYR A 471 -1.81 11.88 -19.51
N CYS A 472 -2.03 12.95 -18.75
CA CYS A 472 -1.61 13.00 -17.35
C CYS A 472 -2.70 13.64 -16.50
N ARG A 473 -3.95 13.25 -16.72
CA ARG A 473 -5.10 13.87 -16.06
C ARG A 473 -5.70 13.01 -14.95
N SER A 474 -5.16 11.81 -14.73
CA SER A 474 -5.73 10.92 -13.73
C SER A 474 -5.55 11.49 -12.33
N PRO A 475 -6.29 10.96 -11.35
CA PRO A 475 -6.16 11.49 -9.98
C PRO A 475 -4.76 11.34 -9.40
N ASP A 476 -4.07 10.25 -9.73
CA ASP A 476 -2.72 10.05 -9.21
C ASP A 476 -1.80 11.18 -9.66
N PHE A 477 -1.85 11.51 -10.95
CA PHE A 477 -1.04 12.61 -11.46
C PHE A 477 -1.44 13.93 -10.81
N ARG A 478 -2.74 14.13 -10.57
CA ARG A 478 -3.19 15.34 -9.91
C ARG A 478 -2.58 15.47 -8.52
N LYS A 479 -2.62 14.39 -7.75
CA LYS A 479 -2.05 14.42 -6.41
C LYS A 479 -0.54 14.64 -6.45
N ALA A 480 0.14 13.97 -7.39
CA ALA A 480 1.58 14.12 -7.50
C ALA A 480 1.96 15.56 -7.85
N PHE A 481 1.15 16.20 -8.70
CA PHE A 481 1.43 17.58 -9.07
C PHE A 481 1.12 18.53 -7.91
N LYS A 482 0.02 18.30 -7.20
CA LYS A 482 -0.31 19.13 -6.06
C LYS A 482 0.72 19.01 -4.95
N ARG A 483 1.37 17.85 -4.83
CA ARG A 483 2.39 17.66 -3.82
C ARG A 483 3.61 18.54 -4.09
N LEU A 484 4.13 18.48 -5.32
CA LEU A 484 5.29 19.27 -5.69
C LEU A 484 4.94 20.75 -5.76
N GLU B 2 -23.93 -21.15 43.72
CA GLU B 2 -24.73 -20.31 42.84
C GLU B 2 -23.89 -19.18 42.27
N LEU B 3 -24.01 -18.95 40.95
CA LEU B 3 -23.24 -17.91 40.30
C LEU B 3 -23.48 -16.54 40.94
N ASP B 4 -24.65 -16.34 41.56
CA ASP B 4 -24.97 -15.04 42.15
C ASP B 4 -23.96 -14.68 43.23
N GLN B 5 -23.67 -15.61 44.14
CA GLN B 5 -22.75 -15.31 45.23
C GLN B 5 -21.35 -15.01 44.71
N LEU B 6 -20.89 -15.80 43.72
CA LEU B 6 -19.58 -15.54 43.15
C LEU B 6 -19.53 -14.16 42.50
N ARG B 7 -20.56 -13.80 41.74
CA ARG B 7 -20.59 -12.49 41.10
C ARG B 7 -20.59 -11.39 42.16
N GLN B 8 -21.34 -11.58 43.25
CA GLN B 8 -21.40 -10.56 44.28
C GLN B 8 -20.06 -10.37 44.97
N GLU B 9 -19.37 -11.47 45.31
CA GLU B 9 -18.08 -11.32 45.97
C GLU B 9 -17.05 -10.73 45.00
N ALA B 10 -17.14 -11.08 43.71
CA ALA B 10 -16.25 -10.47 42.73
C ALA B 10 -16.48 -8.97 42.65
N GLU B 11 -17.74 -8.54 42.63
CA GLU B 11 -18.04 -7.11 42.60
C GLU B 11 -17.54 -6.43 43.85
N GLN B 12 -17.69 -7.08 45.01
CA GLN B 12 -17.19 -6.50 46.25
C GLN B 12 -15.68 -6.33 46.22
N LEU B 13 -14.97 -7.34 45.71
CA LEU B 13 -13.52 -7.24 45.62
C LEU B 13 -13.10 -6.14 44.64
N LYS B 14 -13.80 -6.03 43.51
CA LYS B 14 -13.50 -4.97 42.56
C LYS B 14 -13.71 -3.60 43.18
N ASN B 15 -14.81 -3.42 43.92
CA ASN B 15 -15.06 -2.15 44.57
C ASN B 15 -14.00 -1.85 45.63
N GLN B 16 -13.57 -2.88 46.36
CA GLN B 16 -12.48 -2.70 47.32
C GLN B 16 -11.22 -2.21 46.63
N ILE B 17 -10.86 -2.85 45.52
CA ILE B 17 -9.64 -2.47 44.80
C ILE B 17 -9.77 -1.04 44.29
N ARG B 18 -10.94 -0.68 43.75
CA ARG B 18 -11.14 0.67 43.25
C ARG B 18 -11.01 1.69 44.36
N ASP B 19 -11.61 1.40 45.53
CA ASP B 19 -11.51 2.32 46.66
C ASP B 19 -10.06 2.46 47.11
N ALA B 20 -9.33 1.35 47.17
CA ALA B 20 -7.92 1.42 47.56
C ALA B 20 -7.14 2.30 46.60
N ARG B 21 -7.29 2.05 45.29
CA ARG B 21 -6.59 2.87 44.30
C ARG B 21 -6.95 4.34 44.45
N LYS B 22 -8.24 4.64 44.60
CA LYS B 22 -8.66 6.03 44.76
C LYS B 22 -8.01 6.66 45.99
N ALA B 23 -7.96 5.93 47.10
CA ALA B 23 -7.30 6.45 48.29
C ALA B 23 -5.82 6.69 48.03
N CYS B 24 -5.19 5.85 47.23
CA CYS B 24 -3.78 6.06 46.90
C CYS B 24 -3.60 7.37 46.12
N ALA B 25 -4.48 7.66 45.17
CA ALA B 25 -4.36 8.84 44.32
C ALA B 25 -4.91 10.03 45.08
N ASP B 26 -4.07 10.64 45.91
CA ASP B 26 -4.42 11.86 46.60
C ASP B 26 -3.92 13.11 45.88
N ALA B 27 -3.04 12.95 44.89
CA ALA B 27 -2.53 14.08 44.12
C ALA B 27 -2.58 13.70 42.64
N THR B 28 -1.97 14.52 41.81
CA THR B 28 -1.94 14.30 40.37
C THR B 28 -0.54 14.56 39.84
N LEU B 29 -0.11 13.73 38.88
CA LEU B 29 1.22 13.89 38.31
C LEU B 29 1.36 15.28 37.68
N SER B 30 0.31 15.78 37.03
CA SER B 30 0.36 17.12 36.48
C SER B 30 0.69 18.14 37.56
N GLN B 31 0.11 17.98 38.74
CA GLN B 31 0.37 18.92 39.83
C GLN B 31 1.82 18.81 40.30
N ILE B 32 2.34 17.59 40.43
CA ILE B 32 3.72 17.44 40.89
C ILE B 32 4.70 17.94 39.85
N THR B 33 4.33 17.84 38.57
CA THR B 33 5.20 18.28 37.47
C THR B 33 4.89 19.71 37.02
N ASN B 34 4.18 20.48 37.83
CA ASN B 34 3.87 21.86 37.44
C ASN B 34 5.13 22.73 37.41
N ASN B 35 6.01 22.56 38.39
CA ASN B 35 7.22 23.37 38.46
C ASN B 35 8.19 23.03 37.33
N ILE B 36 8.10 21.83 36.76
CA ILE B 36 9.06 21.43 35.74
C ILE B 36 8.86 22.27 34.49
N ASP B 37 9.97 22.71 33.90
CA ASP B 37 9.92 23.55 32.72
C ASP B 37 9.70 22.71 31.47
N PRO B 38 9.38 23.34 30.35
CA PRO B 38 9.23 22.58 29.10
C PRO B 38 10.57 22.10 28.57
N VAL B 39 10.50 21.10 27.69
CA VAL B 39 11.71 20.55 27.09
C VAL B 39 12.17 21.40 25.91
N GLY B 40 11.22 21.90 25.13
CA GLY B 40 11.53 22.68 23.95
C GLY B 40 11.25 21.89 22.67
N ARG B 41 11.07 22.63 21.59
CA ARG B 41 10.78 22.02 20.30
C ARG B 41 11.91 21.07 19.90
N ILE B 42 11.54 19.87 19.47
CA ILE B 42 12.49 18.85 19.04
C ILE B 42 12.33 18.68 17.53
N GLN B 43 13.24 19.26 16.77
CA GLN B 43 13.22 19.17 15.31
C GLN B 43 13.87 17.86 14.88
N MET B 44 13.23 17.15 13.95
CA MET B 44 13.74 15.90 13.43
C MET B 44 13.62 15.90 11.92
N ARG B 45 14.69 15.48 11.25
CA ARG B 45 14.74 15.41 9.79
C ARG B 45 14.92 13.96 9.37
N THR B 46 14.30 13.60 8.25
CA THR B 46 14.37 12.24 7.72
C THR B 46 15.76 12.03 7.14
N ARG B 47 16.69 11.61 8.01
CA ARG B 47 18.07 11.45 7.60
C ARG B 47 18.20 10.39 6.51
N ARG B 48 17.80 9.15 6.80
CA ARG B 48 17.87 8.06 5.85
C ARG B 48 16.48 7.53 5.57
N THR B 49 16.29 7.02 4.36
CA THR B 49 15.02 6.43 3.95
C THR B 49 15.30 5.10 3.27
N LEU B 50 14.78 4.02 3.83
CA LEU B 50 14.99 2.68 3.31
C LEU B 50 13.82 2.30 2.42
N ARG B 51 14.11 1.97 1.17
CA ARG B 51 13.10 1.61 0.20
C ARG B 51 13.44 0.27 -0.42
N GLY B 52 12.41 -0.40 -0.95
CA GLY B 52 12.60 -1.71 -1.54
C GLY B 52 11.43 -2.64 -1.29
N HIS B 53 10.68 -2.39 -0.23
CA HIS B 53 9.48 -3.17 0.04
C HIS B 53 8.41 -2.86 -1.00
N LEU B 54 7.87 -3.91 -1.60
CA LEU B 54 6.89 -3.76 -2.68
C LEU B 54 5.46 -3.66 -2.17
N ALA B 55 5.27 -3.60 -0.85
CA ALA B 55 3.93 -3.51 -0.29
C ALA B 55 4.03 -2.85 1.08
N LYS B 56 2.88 -2.71 1.74
CA LYS B 56 2.83 -2.05 3.03
C LYS B 56 3.67 -2.81 4.06
N ILE B 57 4.21 -2.08 5.03
CA ILE B 57 5.02 -2.65 6.10
C ILE B 57 4.15 -2.80 7.34
N TYR B 58 4.35 -3.90 8.06
CA TYR B 58 3.51 -4.22 9.21
C TYR B 58 4.25 -4.25 10.54
N ALA B 59 5.56 -4.40 10.54
CA ALA B 59 6.29 -4.44 11.81
C ALA B 59 7.78 -4.33 11.54
N MET B 60 8.53 -4.07 12.61
CA MET B 60 9.97 -3.94 12.54
C MET B 60 10.52 -4.08 13.95
N HIS B 61 11.85 -4.20 14.04
CA HIS B 61 12.50 -4.32 15.33
C HIS B 61 14.00 -4.17 15.14
N TRP B 62 14.63 -3.45 16.05
CA TRP B 62 16.07 -3.24 16.02
C TRP B 62 16.79 -4.43 16.67
N GLY B 63 18.11 -4.29 16.78
CA GLY B 63 18.93 -5.23 17.50
C GLY B 63 19.80 -4.51 18.52
N THR B 64 20.41 -5.29 19.41
CA THR B 64 21.26 -4.72 20.44
C THR B 64 22.39 -3.90 19.83
N ASP B 65 22.82 -4.26 18.61
CA ASP B 65 23.88 -3.51 17.94
C ASP B 65 23.47 -2.08 17.62
N SER B 66 22.17 -1.77 17.65
CA SER B 66 21.65 -0.47 17.28
C SER B 66 21.90 -0.16 15.81
N ARG B 67 22.31 -1.15 15.03
CA ARG B 67 22.64 -0.95 13.63
C ARG B 67 21.68 -1.67 12.70
N LEU B 68 21.54 -2.99 12.83
CA LEU B 68 20.65 -3.73 11.96
C LEU B 68 19.20 -3.55 12.43
N LEU B 69 18.26 -3.77 11.51
CA LEU B 69 16.86 -3.67 11.84
C LEU B 69 16.04 -4.53 10.88
N VAL B 70 15.19 -5.37 11.44
CA VAL B 70 14.33 -6.22 10.63
C VAL B 70 13.13 -5.40 10.16
N SER B 71 12.44 -5.91 9.15
CA SER B 71 11.20 -5.31 8.71
C SER B 71 10.30 -6.41 8.15
N ALA B 72 9.00 -6.14 8.11
CA ALA B 72 8.02 -7.09 7.62
C ALA B 72 7.14 -6.42 6.58
N SER B 73 6.78 -7.17 5.54
CA SER B 73 5.93 -6.67 4.48
C SER B 73 4.97 -7.76 4.04
N GLN B 74 3.78 -7.36 3.61
CA GLN B 74 2.79 -8.32 3.13
C GLN B 74 3.22 -9.02 1.85
N ASP B 75 4.20 -8.46 1.13
CA ASP B 75 4.68 -9.11 -0.08
C ASP B 75 5.22 -10.50 0.19
N GLY B 76 5.63 -10.78 1.42
CA GLY B 76 6.17 -12.07 1.78
C GLY B 76 7.67 -12.10 1.96
N LYS B 77 8.33 -10.95 2.01
CA LYS B 77 9.78 -10.87 2.14
C LYS B 77 10.12 -10.16 3.44
N LEU B 78 10.93 -10.80 4.27
CA LEU B 78 11.43 -10.22 5.50
C LEU B 78 12.84 -9.69 5.26
N ILE B 79 13.01 -8.38 5.37
CA ILE B 79 14.27 -7.72 5.05
C ILE B 79 15.01 -7.42 6.35
N ILE B 80 16.33 -7.48 6.30
CA ILE B 80 17.17 -7.09 7.43
C ILE B 80 18.05 -5.93 6.96
N TRP B 81 17.57 -4.71 7.15
CA TRP B 81 18.29 -3.53 6.73
C TRP B 81 19.47 -3.24 7.65
N ASP B 82 20.45 -2.54 7.10
CA ASP B 82 21.58 -2.01 7.86
C ASP B 82 21.47 -0.49 7.84
N SER B 83 21.01 0.09 8.95
CA SER B 83 20.64 1.50 8.95
C SER B 83 21.79 2.39 8.48
N TYR B 84 23.03 2.07 8.88
CA TYR B 84 24.13 2.96 8.60
C TYR B 84 24.31 3.18 7.10
N THR B 85 24.36 2.11 6.31
CA THR B 85 24.55 2.20 4.88
C THR B 85 23.27 2.04 4.07
N THR B 86 22.15 1.70 4.71
CA THR B 86 20.87 1.60 4.02
C THR B 86 20.96 0.60 2.86
N ASN B 87 21.76 -0.44 3.05
CA ASN B 87 21.95 -1.49 2.04
C ASN B 87 21.44 -2.81 2.60
N LYS B 88 20.48 -3.41 1.90
CA LYS B 88 19.92 -4.67 2.35
C LYS B 88 21.02 -5.69 2.59
N VAL B 89 20.96 -6.37 3.73
CA VAL B 89 21.94 -7.39 4.07
C VAL B 89 21.36 -8.79 4.04
N HIS B 90 20.03 -8.93 4.14
CA HIS B 90 19.39 -10.24 4.03
C HIS B 90 17.95 -10.04 3.61
N ALA B 91 17.46 -10.91 2.74
CA ALA B 91 16.07 -10.91 2.31
C ALA B 91 15.57 -12.35 2.36
N ILE B 92 14.71 -12.65 3.31
CA ILE B 92 14.21 -14.00 3.57
C ILE B 92 12.84 -14.13 2.92
N PRO B 93 12.62 -15.08 2.01
CA PRO B 93 11.27 -15.30 1.48
C PRO B 93 10.47 -16.16 2.45
N LEU B 94 9.36 -15.63 2.94
CA LEU B 94 8.55 -16.32 3.93
C LEU B 94 7.59 -17.29 3.26
N ARG B 95 7.32 -18.39 3.96
CA ARG B 95 6.36 -19.38 3.46
C ARG B 95 4.97 -18.77 3.35
N SER B 96 4.54 -18.07 4.39
CA SER B 96 3.23 -17.44 4.40
C SER B 96 3.35 -16.01 3.86
N SER B 97 2.53 -15.68 2.87
CA SER B 97 2.58 -14.33 2.31
C SER B 97 2.25 -13.28 3.36
N TRP B 98 1.42 -13.63 4.33
CA TRP B 98 0.98 -12.70 5.35
C TRP B 98 1.90 -12.78 6.57
N VAL B 99 2.22 -11.63 7.14
CA VAL B 99 3.05 -11.55 8.34
C VAL B 99 2.59 -10.33 9.13
N MET B 100 2.39 -10.52 10.44
CA MET B 100 1.89 -9.46 11.29
C MET B 100 2.86 -9.04 12.38
N THR B 101 4.06 -9.62 12.42
CA THR B 101 5.04 -9.20 13.42
C THR B 101 6.41 -9.73 13.04
N CYS B 102 7.39 -9.38 13.87
CA CYS B 102 8.77 -9.83 13.70
C CYS B 102 9.47 -9.67 15.04
N ALA B 103 10.70 -10.17 15.09
CA ALA B 103 11.50 -10.05 16.31
C ALA B 103 12.95 -10.36 15.99
N TYR B 104 13.85 -9.58 16.56
CA TYR B 104 15.29 -9.72 16.38
C TYR B 104 15.90 -10.03 17.74
N ALA B 105 16.27 -11.28 17.97
CA ALA B 105 16.77 -11.67 19.26
C ALA B 105 17.96 -10.80 19.66
N PRO B 106 18.23 -10.65 20.96
CA PRO B 106 19.33 -9.77 21.36
C PRO B 106 20.68 -10.20 20.84
N SER B 107 21.02 -11.49 21.00
CA SER B 107 22.33 -11.96 20.56
C SER B 107 22.54 -11.74 19.07
N GLY B 108 21.47 -11.64 18.31
CA GLY B 108 21.56 -11.45 16.87
C GLY B 108 21.72 -12.71 16.07
N ASN B 109 21.60 -13.88 16.70
CA ASN B 109 21.79 -15.16 16.02
C ASN B 109 20.47 -15.78 15.58
N TYR B 110 19.37 -15.03 15.63
CA TYR B 110 18.08 -15.58 15.24
C TYR B 110 17.18 -14.45 14.80
N VAL B 111 16.10 -14.81 14.11
CA VAL B 111 15.05 -13.87 13.73
C VAL B 111 13.73 -14.62 13.79
N ALA B 112 12.65 -13.89 14.04
CA ALA B 112 11.34 -14.50 14.16
C ALA B 112 10.39 -13.91 13.12
N CYS B 113 9.20 -14.51 13.04
CA CYS B 113 8.16 -14.02 12.15
C CYS B 113 6.85 -14.68 12.53
N GLY B 114 5.76 -13.97 12.30
CA GLY B 114 4.45 -14.50 12.63
C GLY B 114 3.32 -13.70 12.03
N GLY B 115 2.31 -14.38 11.52
CA GLY B 115 1.16 -13.73 10.92
C GLY B 115 -0.07 -14.58 11.04
N LEU B 116 -0.98 -14.43 10.08
CA LEU B 116 -2.25 -15.15 10.13
C LEU B 116 -2.06 -16.65 10.08
N ASP B 117 -0.92 -17.13 9.59
CA ASP B 117 -0.70 -18.57 9.48
C ASP B 117 -0.62 -19.27 10.83
N ASN B 118 -0.62 -18.51 11.93
CA ASN B 118 -0.59 -19.09 13.27
C ASN B 118 0.62 -19.99 13.48
N ILE B 119 1.71 -19.72 12.76
CA ILE B 119 2.93 -20.51 12.84
C ILE B 119 4.08 -19.56 13.07
N CYS B 120 4.51 -19.43 14.32
CA CYS B 120 5.64 -18.56 14.66
C CYS B 120 6.90 -19.21 14.11
N SER B 121 7.41 -18.65 13.01
CA SER B 121 8.62 -19.18 12.40
C SER B 121 9.83 -18.52 13.03
N ILE B 122 10.92 -19.29 13.16
CA ILE B 122 12.19 -18.80 13.67
C ILE B 122 13.25 -19.21 12.64
N TYR B 123 13.83 -18.20 11.98
CA TYR B 123 14.87 -18.42 11.00
C TYR B 123 16.23 -18.12 11.62
N ASN B 124 17.24 -18.90 11.24
CA ASN B 124 18.60 -18.68 11.68
C ASN B 124 19.29 -17.72 10.71
N LEU B 125 20.07 -16.78 11.25
CA LEU B 125 20.76 -15.79 10.46
C LEU B 125 22.23 -16.16 10.24
N LYS B 126 22.98 -16.35 11.32
CA LYS B 126 24.39 -16.70 11.22
C LYS B 126 24.51 -18.20 10.98
N THR B 127 24.98 -18.58 9.79
CA THR B 127 25.13 -19.97 9.41
C THR B 127 26.50 -20.17 8.77
N ARG B 128 26.83 -21.44 8.52
CA ARG B 128 28.14 -21.78 7.94
C ARG B 128 28.18 -21.47 6.45
N GLU B 129 27.33 -22.13 5.67
CA GLU B 129 27.27 -21.93 4.23
C GLU B 129 25.92 -21.43 3.75
N GLY B 130 24.83 -21.99 4.26
CA GLY B 130 23.51 -21.55 3.84
C GLY B 130 23.26 -20.10 4.25
N ASN B 131 22.50 -19.39 3.41
CA ASN B 131 22.16 -18.01 3.72
C ASN B 131 21.16 -17.94 4.88
N VAL B 132 19.99 -18.53 4.71
CA VAL B 132 18.95 -18.53 5.73
C VAL B 132 18.16 -19.83 5.63
N ARG B 133 17.80 -20.39 6.77
CA ARG B 133 17.06 -21.63 6.83
C ARG B 133 16.01 -21.54 7.93
N VAL B 134 14.90 -22.25 7.75
CA VAL B 134 13.84 -22.27 8.74
C VAL B 134 14.30 -23.09 9.93
N SER B 135 14.80 -22.42 10.97
CA SER B 135 15.36 -23.13 12.11
C SER B 135 14.27 -23.87 12.88
N ARG B 136 13.09 -23.26 13.01
CA ARG B 136 12.02 -23.92 13.75
C ARG B 136 10.69 -23.28 13.39
N GLU B 137 9.61 -24.01 13.65
CA GLU B 137 8.25 -23.52 13.41
C GLU B 137 7.40 -23.92 14.61
N LEU B 138 6.99 -22.93 15.40
CA LEU B 138 6.21 -23.15 16.60
C LEU B 138 4.74 -22.96 16.27
N ALA B 139 3.95 -24.04 16.35
CA ALA B 139 2.54 -24.03 16.00
C ALA B 139 1.75 -24.69 17.12
N GLY B 140 1.36 -23.90 18.11
CA GLY B 140 0.48 -24.36 19.17
C GLY B 140 -0.76 -23.50 19.31
N HIS B 141 -0.66 -22.25 18.88
CA HIS B 141 -1.79 -21.33 18.99
C HIS B 141 -2.91 -21.72 18.06
N THR B 142 -4.06 -21.06 18.23
CA THR B 142 -5.22 -21.26 17.38
C THR B 142 -5.66 -19.99 16.67
N GLY B 143 -4.95 -18.88 16.85
CA GLY B 143 -5.29 -17.64 16.20
C GLY B 143 -4.05 -16.95 15.65
N TYR B 144 -4.28 -15.79 15.05
CA TYR B 144 -3.18 -15.02 14.48
C TYR B 144 -2.32 -14.43 15.59
N LEU B 145 -1.00 -14.41 15.36
CA LEU B 145 -0.08 -13.82 16.32
C LEU B 145 -0.05 -12.31 16.16
N SER B 146 0.13 -11.61 17.28
CA SER B 146 0.14 -10.16 17.29
C SER B 146 1.51 -9.57 17.57
N CYS B 147 2.34 -10.26 18.34
CA CYS B 147 3.68 -9.76 18.64
C CYS B 147 4.49 -10.87 19.28
N CYS B 148 5.78 -10.89 18.98
CA CYS B 148 6.70 -11.87 19.52
C CYS B 148 7.95 -11.15 20.00
N ARG B 149 8.50 -11.60 21.12
CA ARG B 149 9.70 -11.01 21.69
C ARG B 149 10.62 -12.13 22.12
N PHE B 150 11.91 -11.80 22.21
CA PHE B 150 12.95 -12.77 22.53
C PHE B 150 13.42 -12.55 23.96
N LEU B 151 13.01 -13.44 24.87
CA LEU B 151 13.59 -13.44 26.21
C LEU B 151 15.08 -13.75 26.15
N ASP B 152 15.47 -14.63 25.24
CA ASP B 152 16.86 -15.01 25.06
C ASP B 152 16.94 -15.85 23.79
N ASP B 153 18.16 -16.21 23.40
CA ASP B 153 18.33 -16.99 22.18
C ASP B 153 17.48 -18.27 22.21
N ASN B 154 17.19 -18.79 23.40
CA ASN B 154 16.50 -20.06 23.54
C ASN B 154 14.98 -19.87 23.66
N GLN B 155 14.54 -19.02 24.59
CA GLN B 155 13.13 -18.85 24.88
C GLN B 155 12.56 -17.69 24.08
N ILE B 156 11.26 -17.76 23.80
CA ILE B 156 10.56 -16.73 23.03
C ILE B 156 9.12 -16.67 23.51
N VAL B 157 8.66 -15.49 23.88
CA VAL B 157 7.29 -15.29 24.35
C VAL B 157 6.45 -14.72 23.20
N THR B 158 5.23 -15.21 23.08
CA THR B 158 4.36 -14.85 21.97
C THR B 158 2.95 -14.56 22.48
N SER B 159 2.25 -13.69 21.76
CA SER B 159 0.86 -13.34 22.04
C SER B 159 0.03 -13.59 20.81
N SER B 160 -1.12 -14.24 20.99
CA SER B 160 -1.95 -14.67 19.88
C SER B 160 -3.32 -14.00 19.97
N GLY B 161 -4.12 -14.24 18.94
CA GLY B 161 -5.48 -13.73 18.91
C GLY B 161 -6.47 -14.55 19.71
N ASP B 162 -6.06 -15.70 20.23
CA ASP B 162 -6.91 -16.52 21.07
C ASP B 162 -6.93 -16.04 22.52
N THR B 163 -6.47 -14.83 22.79
CA THR B 163 -6.48 -14.25 24.13
C THR B 163 -5.58 -15.01 25.10
N THR B 164 -4.51 -15.62 24.59
CA THR B 164 -3.61 -16.42 25.41
C THR B 164 -2.18 -16.15 25.00
N CYS B 165 -1.33 -15.83 25.97
CA CYS B 165 0.09 -15.69 25.72
C CYS B 165 0.80 -16.99 26.06
N ALA B 166 1.97 -17.18 25.45
CA ALA B 166 2.72 -18.41 25.65
C ALA B 166 4.20 -18.08 25.74
N LEU B 167 4.96 -18.99 26.38
CA LEU B 167 6.40 -18.88 26.51
C LEU B 167 7.02 -20.15 25.93
N TRP B 168 7.35 -20.11 24.64
CA TRP B 168 7.91 -21.26 23.95
C TRP B 168 9.40 -21.38 24.23
N ASP B 169 9.88 -22.62 24.26
CA ASP B 169 11.31 -22.92 24.28
C ASP B 169 11.70 -23.41 22.89
N ILE B 170 12.56 -22.64 22.21
CA ILE B 170 12.85 -22.93 20.81
C ILE B 170 13.41 -24.34 20.65
N GLU B 171 14.43 -24.69 21.44
CA GLU B 171 15.07 -25.98 21.28
C GLU B 171 14.06 -27.12 21.40
N THR B 172 13.15 -27.04 22.37
CA THR B 172 12.20 -28.11 22.62
C THR B 172 10.91 -27.95 21.83
N GLY B 173 10.55 -26.73 21.45
CA GLY B 173 9.31 -26.52 20.71
C GLY B 173 8.07 -26.90 21.49
N GLN B 174 7.96 -26.44 22.74
CA GLN B 174 6.82 -26.73 23.59
C GLN B 174 6.46 -25.48 24.39
N GLN B 175 5.18 -25.38 24.72
CA GLN B 175 4.66 -24.24 25.51
C GLN B 175 5.07 -24.46 26.96
N THR B 176 6.26 -23.98 27.30
CA THR B 176 6.74 -24.12 28.67
C THR B 176 5.76 -23.51 29.67
N THR B 177 5.07 -22.46 29.27
CA THR B 177 4.10 -21.81 30.14
C THR B 177 3.05 -21.11 29.28
N THR B 178 1.83 -21.08 29.79
CA THR B 178 0.70 -20.48 29.09
C THR B 178 -0.03 -19.54 30.03
N PHE B 179 -0.08 -18.26 29.67
CA PHE B 179 -0.81 -17.25 30.42
C PHE B 179 -2.18 -17.04 29.78
N THR B 180 -3.22 -17.15 30.59
CA THR B 180 -4.59 -16.93 30.14
C THR B 180 -5.32 -16.10 31.17
N GLY B 181 -6.41 -15.46 30.74
CA GLY B 181 -7.18 -14.61 31.61
C GLY B 181 -7.74 -13.40 30.88
N HIS B 182 -7.15 -13.06 29.74
CA HIS B 182 -7.66 -11.96 28.94
C HIS B 182 -9.03 -12.33 28.37
N THR B 183 -9.92 -11.33 28.33
CA THR B 183 -11.25 -11.52 27.76
C THR B 183 -11.31 -11.16 26.28
N GLY B 184 -10.21 -10.68 25.71
CA GLY B 184 -10.17 -10.31 24.31
C GLY B 184 -8.82 -10.63 23.71
N ASP B 185 -8.66 -10.28 22.44
CA ASP B 185 -7.42 -10.55 21.73
C ASP B 185 -6.28 -9.76 22.34
N VAL B 186 -5.11 -10.40 22.45
CA VAL B 186 -3.90 -9.72 22.89
C VAL B 186 -3.24 -9.12 21.65
N MET B 187 -3.32 -7.80 21.53
CA MET B 187 -2.85 -7.13 20.32
C MET B 187 -1.38 -6.72 20.39
N SER B 188 -0.77 -6.72 21.57
CA SER B 188 0.65 -6.41 21.67
C SER B 188 1.09 -6.60 23.12
N LEU B 189 2.38 -6.89 23.28
CA LEU B 189 2.97 -7.09 24.59
C LEU B 189 4.29 -6.34 24.64
N SER B 190 4.93 -6.39 25.80
CA SER B 190 6.21 -5.72 25.98
C SER B 190 6.98 -6.35 27.13
N LEU B 191 8.26 -6.63 26.88
CA LEU B 191 9.16 -7.16 27.90
C LEU B 191 9.74 -6.01 28.70
N ALA B 192 10.18 -6.32 29.91
CA ALA B 192 10.83 -5.33 30.76
C ALA B 192 12.34 -5.48 30.66
N PRO B 193 13.09 -4.43 31.02
CA PRO B 193 14.56 -4.56 30.98
C PRO B 193 15.08 -5.72 31.80
N ASP B 194 14.50 -5.97 32.97
CA ASP B 194 14.93 -7.11 33.77
C ASP B 194 14.52 -8.43 33.15
N THR B 195 13.52 -8.41 32.28
CA THR B 195 12.99 -9.57 31.56
C THR B 195 12.24 -10.53 32.49
N ARG B 196 12.11 -10.22 33.78
CA ARG B 196 11.41 -11.12 34.68
C ARG B 196 9.90 -11.01 34.53
N LEU B 197 9.40 -9.81 34.29
CA LEU B 197 7.98 -9.57 34.08
C LEU B 197 7.77 -9.00 32.69
N PHE B 198 6.54 -9.10 32.20
CA PHE B 198 6.19 -8.51 30.92
C PHE B 198 4.73 -8.12 30.92
N VAL B 199 4.43 -6.97 30.31
CA VAL B 199 3.07 -6.45 30.26
C VAL B 199 2.44 -6.90 28.95
N SER B 200 1.12 -7.07 28.97
CA SER B 200 0.39 -7.50 27.79
C SER B 200 -0.88 -6.68 27.67
N GLY B 201 -1.05 -6.04 26.53
CA GLY B 201 -2.27 -5.31 26.22
C GLY B 201 -3.40 -6.27 25.90
N ALA B 202 -4.44 -5.72 25.28
CA ALA B 202 -5.60 -6.52 24.91
C ALA B 202 -6.55 -5.65 24.11
N CYS B 203 -7.60 -6.28 23.60
CA CYS B 203 -8.67 -5.59 22.89
C CYS B 203 -9.87 -5.28 23.79
N ASP B 204 -9.89 -5.82 25.01
CA ASP B 204 -10.96 -5.55 25.95
C ASP B 204 -10.64 -4.36 26.85
N ALA B 205 -9.79 -3.44 26.39
CA ALA B 205 -9.44 -2.22 27.11
C ALA B 205 -8.90 -2.56 28.50
N SER B 206 -7.83 -3.36 28.50
CA SER B 206 -7.18 -3.74 29.74
C SER B 206 -5.78 -4.24 29.45
N ALA B 207 -4.91 -4.12 30.44
CA ALA B 207 -3.55 -4.63 30.35
C ALA B 207 -3.26 -5.44 31.61
N LYS B 208 -2.42 -6.45 31.45
CA LYS B 208 -2.07 -7.34 32.55
C LYS B 208 -0.56 -7.48 32.65
N LEU B 209 -0.05 -7.43 33.87
CA LEU B 209 1.38 -7.59 34.13
C LEU B 209 1.65 -9.05 34.49
N TRP B 210 2.12 -9.82 33.52
CA TRP B 210 2.37 -11.23 33.70
C TRP B 210 3.79 -11.46 34.21
N ASP B 211 3.93 -12.44 35.10
CA ASP B 211 5.23 -12.82 35.64
C ASP B 211 5.74 -14.06 34.91
N VAL B 212 6.95 -13.97 34.36
CA VAL B 212 7.46 -15.04 33.52
C VAL B 212 7.66 -16.31 34.34
N ARG B 213 8.54 -16.27 35.33
CA ARG B 213 8.91 -17.48 36.07
C ARG B 213 7.70 -18.09 36.74
N GLU B 214 7.03 -17.33 37.61
CA GLU B 214 5.89 -17.88 38.34
C GLU B 214 4.75 -18.24 37.41
N GLY B 215 4.51 -17.43 36.38
CA GLY B 215 3.45 -17.72 35.44
C GLY B 215 2.08 -17.30 35.90
N MET B 216 1.98 -16.19 36.61
CA MET B 216 0.72 -15.70 37.15
C MET B 216 0.58 -14.21 36.86
N CYS B 217 -0.66 -13.74 36.81
CA CYS B 217 -0.94 -12.32 36.62
C CYS B 217 -0.72 -11.60 37.94
N ARG B 218 0.13 -10.57 37.92
CA ARG B 218 0.41 -9.83 39.15
C ARG B 218 -0.56 -8.67 39.34
N GLN B 219 -0.77 -7.87 38.29
CA GLN B 219 -1.64 -6.71 38.39
C GLN B 219 -2.40 -6.53 37.09
N THR B 220 -3.51 -5.80 37.17
CA THR B 220 -4.33 -5.48 36.03
C THR B 220 -4.60 -3.98 36.01
N PHE B 221 -4.53 -3.38 34.83
CA PHE B 221 -4.73 -1.95 34.65
C PHE B 221 -5.83 -1.72 33.62
N THR B 222 -6.78 -0.86 33.96
CA THR B 222 -7.86 -0.48 33.06
C THR B 222 -8.02 1.03 33.12
N GLY B 223 -8.89 1.55 32.25
CA GLY B 223 -9.11 2.98 32.18
C GLY B 223 -9.29 3.46 30.76
N HIS B 224 -8.96 2.62 29.80
CA HIS B 224 -9.15 2.96 28.39
C HIS B 224 -10.59 2.75 27.98
N GLU B 225 -11.06 3.60 27.07
CA GLU B 225 -12.41 3.49 26.52
C GLU B 225 -12.45 2.72 25.21
N SER B 226 -11.28 2.34 24.67
CA SER B 226 -11.21 1.61 23.41
C SER B 226 -10.10 0.58 23.50
N ASP B 227 -9.90 -0.14 22.41
CA ASP B 227 -8.91 -1.22 22.39
C ASP B 227 -7.50 -0.66 22.53
N ILE B 228 -6.61 -1.49 23.06
CA ILE B 228 -5.20 -1.15 23.19
C ILE B 228 -4.47 -1.74 22.00
N ASN B 229 -3.83 -0.90 21.19
CA ASN B 229 -3.14 -1.33 19.99
C ASN B 229 -1.63 -1.37 20.15
N ALA B 230 -1.10 -0.96 21.29
CA ALA B 230 0.34 -0.95 21.50
C ALA B 230 0.62 -0.72 22.98
N ILE B 231 1.87 -0.91 23.37
CA ILE B 231 2.29 -0.74 24.76
C ILE B 231 3.81 -0.75 24.82
N CYS B 232 4.38 -0.06 25.80
CA CYS B 232 5.82 -0.07 25.97
C CYS B 232 6.19 0.35 27.39
N PHE B 233 7.12 -0.37 27.99
CA PHE B 233 7.56 -0.07 29.34
C PHE B 233 8.21 1.30 29.41
N PHE B 234 8.43 1.75 30.63
CA PHE B 234 9.29 2.89 30.90
C PHE B 234 10.73 2.42 31.02
N PRO B 235 11.70 3.16 30.48
CA PRO B 235 13.11 2.71 30.57
C PRO B 235 13.53 2.33 31.98
N ASN B 236 12.95 2.97 33.00
CA ASN B 236 13.25 2.57 34.36
C ASN B 236 12.73 1.18 34.66
N GLY B 237 11.54 0.85 34.15
CA GLY B 237 10.96 -0.47 34.32
C GLY B 237 9.85 -0.57 35.33
N ASN B 238 9.44 0.55 35.96
CA ASN B 238 8.40 0.53 36.96
C ASN B 238 7.05 1.01 36.44
N ALA B 239 6.99 1.56 35.23
CA ALA B 239 5.75 2.06 34.67
C ALA B 239 5.75 1.78 33.18
N PHE B 240 4.59 1.88 32.56
CA PHE B 240 4.44 1.57 31.14
C PHE B 240 3.36 2.45 30.51
N ALA B 241 3.62 2.89 29.29
CA ALA B 241 2.66 3.65 28.52
C ALA B 241 1.92 2.73 27.56
N THR B 242 0.67 3.09 27.28
CA THR B 242 -0.17 2.30 26.39
C THR B 242 -1.02 3.24 25.54
N GLY B 243 -1.02 3.01 24.24
CA GLY B 243 -1.90 3.70 23.34
C GLY B 243 -3.29 3.11 23.38
N SER B 244 -4.10 3.48 22.38
CA SER B 244 -5.45 2.95 22.27
C SER B 244 -6.05 3.47 20.96
N ASP B 245 -7.28 3.04 20.68
CA ASP B 245 -8.03 3.57 19.55
C ASP B 245 -8.76 4.85 19.87
N ASP B 246 -8.80 5.26 21.14
CA ASP B 246 -9.45 6.49 21.56
C ASP B 246 -8.55 7.71 21.39
N ALA B 247 -7.49 7.60 20.60
CA ALA B 247 -6.55 8.70 20.39
C ALA B 247 -5.94 9.18 21.70
N THR B 248 -5.93 8.33 22.73
CA THR B 248 -5.47 8.71 24.06
C THR B 248 -4.39 7.73 24.50
N CYS B 249 -3.23 8.24 24.84
CA CYS B 249 -2.18 7.45 25.46
C CYS B 249 -2.27 7.60 26.97
N ARG B 250 -1.91 6.55 27.70
CA ARG B 250 -2.01 6.59 29.16
C ARG B 250 -0.78 5.94 29.76
N LEU B 251 -0.20 6.60 30.77
CA LEU B 251 1.03 6.14 31.40
C LEU B 251 0.67 5.55 32.76
N PHE B 252 0.54 4.23 32.82
CA PHE B 252 0.22 3.56 34.07
C PHE B 252 1.50 3.25 34.85
N ASP B 253 1.36 3.12 36.16
CA ASP B 253 2.46 2.77 37.04
C ASP B 253 2.20 1.42 37.68
N LEU B 254 3.28 0.66 37.86
CA LEU B 254 3.15 -0.67 38.45
C LEU B 254 2.95 -0.58 39.97
N ARG B 255 3.84 0.14 40.65
CA ARG B 255 3.78 0.19 42.12
C ARG B 255 2.47 0.80 42.59
N ALA B 256 2.14 1.99 42.11
CA ALA B 256 0.91 2.64 42.54
C ALA B 256 -0.32 1.90 42.05
N ASP B 257 -0.22 1.25 40.89
CA ASP B 257 -1.35 0.53 40.31
C ASP B 257 -2.46 1.47 39.87
N GLN B 258 -2.10 2.54 39.17
CA GLN B 258 -3.06 3.51 38.69
C GLN B 258 -2.51 4.18 37.44
N GLU B 259 -3.32 5.08 36.87
CA GLU B 259 -2.97 5.81 35.66
C GLU B 259 -2.33 7.14 36.06
N LEU B 260 -1.04 7.30 35.81
CA LEU B 260 -0.35 8.51 36.23
C LEU B 260 -0.83 9.71 35.42
N MET B 261 -0.82 9.62 34.10
CA MET B 261 -1.20 10.74 33.26
C MET B 261 -1.77 10.24 31.95
N THR B 262 -2.50 11.12 31.27
CA THR B 262 -3.15 10.82 30.00
C THR B 262 -2.75 11.88 28.99
N TYR B 263 -2.18 11.44 27.88
CA TYR B 263 -1.85 12.29 26.75
C TYR B 263 -3.00 12.22 25.75
N SER B 264 -3.60 13.37 25.46
CA SER B 264 -4.73 13.43 24.54
C SER B 264 -4.97 14.87 24.15
N HIS B 265 -5.33 15.08 22.88
CA HIS B 265 -5.60 16.40 22.35
C HIS B 265 -6.86 16.33 21.49
N ASP B 266 -7.58 17.45 21.42
CA ASP B 266 -8.84 17.47 20.68
C ASP B 266 -8.59 17.32 19.19
N ASN B 267 -7.55 17.96 18.67
CA ASN B 267 -7.27 17.88 17.23
C ASN B 267 -7.17 16.43 16.77
N ILE B 268 -6.26 15.67 17.37
CA ILE B 268 -6.06 14.28 16.98
C ILE B 268 -7.33 13.50 17.26
N ILE B 269 -7.79 12.73 16.27
CA ILE B 269 -8.98 11.90 16.41
C ILE B 269 -8.73 10.44 16.06
N CYS B 270 -7.73 10.13 15.24
CA CYS B 270 -7.47 8.75 14.87
C CYS B 270 -6.76 8.02 16.01
N GLY B 271 -6.80 6.69 15.95
CA GLY B 271 -6.20 5.88 16.99
C GLY B 271 -4.70 5.75 16.83
N ILE B 272 -4.07 5.26 17.91
CA ILE B 272 -2.63 5.04 17.94
C ILE B 272 -2.34 3.64 17.44
N THR B 273 -1.17 3.46 16.83
CA THR B 273 -0.76 2.17 16.31
C THR B 273 0.57 1.69 16.87
N SER B 274 1.31 2.54 17.56
CA SER B 274 2.57 2.14 18.17
C SER B 274 3.07 3.27 19.06
N VAL B 275 3.78 2.90 20.12
CA VAL B 275 4.34 3.86 21.05
C VAL B 275 5.72 3.38 21.48
N SER B 276 6.51 4.32 22.00
CA SER B 276 7.84 3.99 22.49
C SER B 276 8.36 5.14 23.34
N PHE B 277 9.43 4.87 24.08
CA PHE B 277 10.03 5.84 24.98
C PHE B 277 11.45 6.14 24.53
N SER B 278 11.89 7.36 24.80
CA SER B 278 13.29 7.70 24.59
C SER B 278 14.15 7.00 25.63
N LYS B 279 15.47 7.15 25.50
CA LYS B 279 16.37 6.51 26.45
C LYS B 279 16.10 7.00 27.87
N SER B 280 16.09 8.32 28.07
CA SER B 280 15.76 8.86 29.38
C SER B 280 14.27 8.84 29.65
N GLY B 281 13.45 8.56 28.64
CA GLY B 281 12.01 8.46 28.83
C GLY B 281 11.29 9.78 28.97
N ARG B 282 11.95 10.91 28.69
CA ARG B 282 11.31 12.20 28.80
C ARG B 282 10.32 12.46 27.68
N LEU B 283 10.45 11.77 26.55
CA LEU B 283 9.62 12.00 25.37
C LEU B 283 8.99 10.69 24.95
N LEU B 284 7.65 10.64 24.96
CA LEU B 284 6.91 9.47 24.51
C LEU B 284 6.58 9.68 23.04
N LEU B 285 7.16 8.83 22.18
CA LEU B 285 6.93 8.92 20.74
C LEU B 285 5.79 7.98 20.38
N ALA B 286 4.70 8.54 19.84
CA ALA B 286 3.52 7.77 19.48
C ALA B 286 3.21 7.98 18.01
N GLY B 287 3.18 6.89 17.26
CA GLY B 287 2.85 6.97 15.85
C GLY B 287 1.36 6.81 15.61
N TYR B 288 0.66 7.92 15.43
CA TYR B 288 -0.77 7.89 15.26
C TYR B 288 -1.14 7.31 13.90
N ASP B 289 -2.44 7.10 13.70
CA ASP B 289 -2.99 6.62 12.45
C ASP B 289 -3.32 7.75 11.49
N ASP B 290 -3.00 8.99 11.85
CA ASP B 290 -3.29 10.16 11.02
C ASP B 290 -2.13 10.52 10.10
N PHE B 291 -1.31 9.56 9.72
CA PHE B 291 -0.17 9.77 8.84
C PHE B 291 0.95 10.55 9.50
N ASN B 292 0.92 10.69 10.82
CA ASN B 292 1.88 11.51 11.54
C ASN B 292 2.41 10.74 12.75
N CYS B 293 3.33 11.39 13.46
CA CYS B 293 3.90 10.87 14.69
C CYS B 293 4.10 12.03 15.65
N ASN B 294 3.66 11.87 16.90
CA ASN B 294 3.68 12.93 17.88
C ASN B 294 4.61 12.57 19.01
N VAL B 295 5.45 13.52 19.42
CA VAL B 295 6.39 13.34 20.50
C VAL B 295 5.87 14.09 21.71
N TRP B 296 5.12 13.41 22.57
CA TRP B 296 4.54 14.04 23.74
C TRP B 296 5.56 14.12 24.86
N ASP B 297 5.47 15.18 25.65
CA ASP B 297 6.30 15.27 26.85
C ASP B 297 5.86 14.18 27.82
N ALA B 298 6.81 13.64 28.57
CA ALA B 298 6.50 12.56 29.50
C ALA B 298 5.87 13.11 30.78
N LEU B 299 6.42 14.19 31.32
CA LEU B 299 6.02 14.70 32.62
C LEU B 299 5.10 15.90 32.55
N LYS B 300 4.83 16.44 31.35
CA LYS B 300 4.01 17.62 31.20
C LYS B 300 2.85 17.44 30.24
N ALA B 301 2.76 16.31 29.55
CA ALA B 301 1.64 16.02 28.64
C ALA B 301 1.44 17.13 27.62
N ASP B 302 2.49 17.90 27.34
CA ASP B 302 2.44 18.99 26.38
C ASP B 302 3.18 18.54 25.12
N ARG B 303 2.45 18.49 24.01
CA ARG B 303 3.06 18.05 22.76
C ARG B 303 4.31 18.87 22.45
N ALA B 304 5.26 18.25 21.76
CA ALA B 304 6.51 18.92 21.39
C ALA B 304 6.93 18.36 20.03
N GLY B 305 6.79 19.17 18.99
CA GLY B 305 7.17 18.76 17.66
C GLY B 305 6.19 17.77 17.06
N VAL B 306 6.44 17.44 15.80
CA VAL B 306 5.60 16.50 15.06
C VAL B 306 6.40 16.00 13.87
N LEU B 307 6.27 14.70 13.60
CA LEU B 307 6.96 14.05 12.48
C LEU B 307 5.93 13.62 11.46
N ALA B 308 6.02 14.20 10.25
CA ALA B 308 5.08 13.90 9.18
C ALA B 308 5.88 13.80 7.87
N GLY B 309 6.09 12.58 7.41
CA GLY B 309 6.81 12.35 6.17
C GLY B 309 6.26 11.19 5.37
N HIS B 310 5.08 10.71 5.75
CA HIS B 310 4.46 9.56 5.12
C HIS B 310 3.12 9.96 4.50
N ASP B 311 2.61 9.09 3.63
CA ASP B 311 1.30 9.30 3.03
C ASP B 311 0.21 8.50 3.72
N ASN B 312 0.51 7.26 4.11
CA ASN B 312 -0.46 6.38 4.75
C ASN B 312 -0.16 6.29 6.24
N ARG B 313 -0.91 5.45 6.94
CA ARG B 313 -0.81 5.40 8.39
C ARG B 313 0.54 4.85 8.83
N VAL B 314 1.02 5.37 9.95
CA VAL B 314 2.27 4.91 10.56
C VAL B 314 1.97 3.60 11.27
N SER B 315 2.56 2.51 10.79
CA SER B 315 2.22 1.19 11.33
C SER B 315 3.07 0.87 12.56
N CYS B 316 4.39 0.84 12.40
CA CYS B 316 5.29 0.42 13.46
C CYS B 316 6.27 1.53 13.78
N LEU B 317 6.69 1.58 15.04
CA LEU B 317 7.65 2.57 15.51
C LEU B 317 8.63 1.88 16.44
N GLY B 318 9.90 2.26 16.35
CA GLY B 318 10.92 1.66 17.18
C GLY B 318 12.05 2.62 17.45
N VAL B 319 12.79 2.35 18.52
CA VAL B 319 13.92 3.17 18.92
C VAL B 319 15.06 2.25 19.35
N THR B 320 16.28 2.69 19.12
CA THR B 320 17.45 1.90 19.46
C THR B 320 17.78 2.02 20.94
N ASP B 321 18.38 0.96 21.49
CA ASP B 321 18.80 1.00 22.88
C ASP B 321 19.66 2.22 23.16
N ASP B 322 20.59 2.54 22.25
CA ASP B 322 21.38 3.75 22.39
C ASP B 322 20.49 4.99 22.38
N GLY B 323 19.32 4.90 21.75
CA GLY B 323 18.45 6.05 21.63
C GLY B 323 18.88 7.07 20.61
N MET B 324 19.77 6.70 19.68
CA MET B 324 20.28 7.66 18.72
C MET B 324 19.27 7.93 17.61
N ALA B 325 18.62 6.89 17.10
CA ALA B 325 17.72 7.00 15.96
C ALA B 325 16.34 6.52 16.35
N VAL B 326 15.36 6.83 15.49
CA VAL B 326 13.98 6.42 15.68
C VAL B 326 13.44 5.98 14.34
N ALA B 327 13.20 4.67 14.20
CA ALA B 327 12.69 4.11 12.96
C ALA B 327 11.17 4.14 12.97
N THR B 328 10.59 4.48 11.83
CA THR B 328 9.15 4.50 11.65
C THR B 328 8.80 3.84 10.33
N GLY B 329 7.98 2.80 10.38
CA GLY B 329 7.53 2.09 9.21
C GLY B 329 6.04 2.29 9.00
N SER B 330 5.67 2.69 7.79
CA SER B 330 4.29 3.01 7.45
C SER B 330 3.87 2.17 6.25
N TRP B 331 2.57 2.19 5.97
CA TRP B 331 2.06 1.47 4.81
C TRP B 331 2.52 2.10 3.49
N ASP B 332 3.25 3.21 3.54
CA ASP B 332 3.82 3.81 2.35
C ASP B 332 4.93 2.98 1.74
N SER B 333 5.29 1.84 2.35
CA SER B 333 6.37 0.97 1.89
C SER B 333 7.73 1.60 2.03
N PHE B 334 7.87 2.61 2.89
CA PHE B 334 9.13 3.30 3.12
C PHE B 334 9.36 3.41 4.62
N LEU B 335 10.45 2.84 5.10
CA LEU B 335 10.91 3.07 6.46
C LEU B 335 11.68 4.38 6.52
N LYS B 336 11.51 5.12 7.61
CA LYS B 336 12.17 6.40 7.79
C LYS B 336 12.93 6.37 9.10
N ILE B 337 14.24 6.60 9.03
CA ILE B 337 15.10 6.64 10.22
C ILE B 337 15.20 8.11 10.64
N TRP B 338 14.23 8.57 11.41
CA TRP B 338 14.26 9.94 11.91
C TRP B 338 15.32 10.07 12.99
N ASN B 339 15.84 11.28 13.15
CA ASN B 339 16.88 11.55 14.13
C ASN B 339 16.78 12.99 14.64
N ALA C 32 36.97 -2.86 -0.36
CA ALA C 32 36.60 -4.17 -0.87
C ALA C 32 35.34 -4.69 -0.19
N GLU C 33 35.30 -4.64 1.14
CA GLU C 33 34.12 -5.11 1.87
C GLU C 33 32.90 -4.28 1.51
N ASP C 34 33.08 -2.96 1.37
CA ASP C 34 31.96 -2.11 0.96
C ASP C 34 31.47 -2.50 -0.43
N LYS C 35 32.41 -2.81 -1.34
CA LYS C 35 32.01 -3.23 -2.67
C LYS C 35 31.23 -4.53 -2.63
N ALA C 36 31.67 -5.49 -1.82
CA ALA C 36 30.95 -6.75 -1.69
C ALA C 36 29.56 -6.52 -1.12
N ALA C 37 29.45 -5.63 -0.12
CA ALA C 37 28.13 -5.33 0.45
C ALA C 37 27.22 -4.69 -0.58
N VAL C 38 27.76 -3.77 -1.39
CA VAL C 38 26.94 -3.13 -2.41
C VAL C 38 26.51 -4.14 -3.46
N GLU C 39 27.39 -5.09 -3.81
CA GLU C 39 27.02 -6.14 -4.75
C GLU C 39 25.90 -7.00 -4.18
N ARG C 40 26.01 -7.37 -2.91
CA ARG C 40 24.95 -8.14 -2.26
C ARG C 40 23.64 -7.36 -2.30
N SER C 41 23.69 -6.07 -2.01
CA SER C 41 22.47 -5.26 -2.02
C SER C 41 21.87 -5.22 -3.42
N LYS C 42 22.70 -5.06 -4.45
CA LYS C 42 22.18 -5.01 -5.82
C LYS C 42 21.54 -6.33 -6.19
N MET C 43 22.18 -7.45 -5.85
CA MET C 43 21.60 -8.75 -6.16
C MET C 43 20.27 -8.94 -5.44
N ILE C 44 20.21 -8.55 -4.17
CA ILE C 44 18.97 -8.71 -3.42
C ILE C 44 17.88 -7.82 -4.00
N ASP C 45 18.24 -6.63 -4.47
CA ASP C 45 17.24 -5.75 -5.08
C ASP C 45 16.71 -6.34 -6.38
N ARG C 46 17.60 -6.89 -7.21
CA ARG C 46 17.13 -7.53 -8.44
C ARG C 46 16.22 -8.71 -8.13
N ASN C 47 16.58 -9.53 -7.14
CA ASN C 47 15.73 -10.64 -6.74
C ASN C 47 14.38 -10.15 -6.25
N LEU C 48 14.38 -9.07 -5.46
CA LEU C 48 13.12 -8.53 -4.96
C LEU C 48 12.24 -8.05 -6.09
N ARG C 49 12.82 -7.36 -7.07
CA ARG C 49 12.02 -6.88 -8.19
C ARG C 49 11.45 -8.03 -9.00
N GLU C 50 12.27 -9.05 -9.27
CA GLU C 50 11.77 -10.21 -10.01
C GLU C 50 10.64 -10.89 -9.26
N ASP C 51 10.81 -11.09 -7.95
CA ASP C 51 9.76 -11.74 -7.18
C ASP C 51 8.50 -10.88 -7.11
N GLY C 52 8.65 -9.56 -7.06
CA GLY C 52 7.49 -8.69 -7.08
C GLY C 52 6.72 -8.79 -8.38
N GLU C 53 7.43 -8.83 -9.50
CA GLU C 53 6.77 -9.04 -10.78
C GLU C 53 6.05 -10.39 -10.79
N LYS C 54 6.73 -11.44 -10.34
CA LYS C 54 6.11 -12.75 -10.30
C LYS C 54 4.84 -12.74 -9.47
N ALA C 55 4.85 -12.00 -8.36
CA ALA C 55 3.67 -11.94 -7.51
C ALA C 55 2.54 -11.16 -8.19
N ALA C 56 2.86 -9.99 -8.75
CA ALA C 56 1.85 -9.21 -9.45
C ALA C 56 1.22 -10.01 -10.58
N ARG C 57 1.97 -10.91 -11.20
CA ARG C 57 1.39 -11.76 -12.24
C ARG C 57 0.24 -12.60 -11.70
N GLU C 58 0.31 -12.98 -10.43
CA GLU C 58 -0.71 -13.83 -9.84
C GLU C 58 -1.96 -13.03 -9.51
N VAL C 59 -3.09 -13.73 -9.44
CA VAL C 59 -4.37 -13.13 -9.11
C VAL C 59 -4.84 -13.70 -7.78
N LYS C 60 -5.14 -12.81 -6.84
CA LYS C 60 -5.55 -13.20 -5.49
C LYS C 60 -7.07 -13.21 -5.38
N LEU C 61 -7.57 -14.00 -4.43
CA LEU C 61 -8.99 -14.03 -4.12
C LEU C 61 -9.15 -14.39 -2.66
N LEU C 62 -10.19 -13.84 -2.04
CA LEU C 62 -10.48 -14.06 -0.63
C LEU C 62 -11.80 -14.82 -0.52
N LEU C 63 -11.73 -16.05 0.00
CA LEU C 63 -12.92 -16.89 0.15
C LEU C 63 -13.48 -16.73 1.56
N LEU C 64 -13.95 -15.52 1.85
CA LEU C 64 -14.49 -15.19 3.16
C LEU C 64 -15.97 -15.55 3.17
N GLY C 65 -16.27 -16.73 3.72
CA GLY C 65 -17.64 -17.22 3.80
C GLY C 65 -18.03 -17.55 5.23
N ALA C 66 -19.29 -17.91 5.40
CA ALA C 66 -19.81 -18.29 6.70
C ALA C 66 -19.25 -19.66 7.11
N GLY C 67 -19.71 -20.14 8.26
CA GLY C 67 -19.21 -21.41 8.76
C GLY C 67 -19.78 -22.61 8.01
N GLU C 68 -21.05 -22.54 7.65
CA GLU C 68 -21.72 -23.67 7.01
C GLU C 68 -22.24 -23.29 5.63
N SER C 69 -21.42 -22.58 4.84
CA SER C 69 -21.80 -22.14 3.51
C SER C 69 -21.30 -23.08 2.42
N GLY C 70 -21.19 -24.36 2.72
CA GLY C 70 -20.73 -25.34 1.74
C GLY C 70 -19.41 -24.95 1.10
N LYS C 71 -18.59 -24.20 1.83
CA LYS C 71 -17.30 -23.78 1.29
C LYS C 71 -16.43 -24.97 0.93
N SER C 72 -16.64 -26.11 1.59
CA SER C 72 -15.86 -27.31 1.26
C SER C 72 -16.11 -27.75 -0.17
N THR C 73 -17.38 -27.75 -0.59
CA THR C 73 -17.69 -28.15 -1.96
C THR C 73 -17.01 -27.23 -2.97
N ILE C 74 -16.99 -25.92 -2.68
CA ILE C 74 -16.35 -24.97 -3.60
C ILE C 74 -14.85 -25.22 -3.64
N VAL C 75 -14.22 -25.36 -2.47
CA VAL C 75 -12.78 -25.58 -2.43
C VAL C 75 -12.42 -26.89 -3.11
N LYS C 76 -13.32 -27.87 -3.12
CA LYS C 76 -13.05 -29.12 -3.79
C LYS C 76 -13.19 -28.98 -5.31
N GLN C 77 -14.34 -28.46 -5.77
CA GLN C 77 -14.56 -28.34 -7.20
C GLN C 77 -13.59 -27.36 -7.85
N MET C 78 -13.01 -26.46 -7.07
CA MET C 78 -12.01 -25.56 -7.62
C MET C 78 -10.73 -26.31 -7.97
N LYS C 79 -10.25 -27.14 -7.06
CA LYS C 79 -9.03 -27.91 -7.28
C LYS C 79 -9.32 -29.17 -8.08
N THR C 207 -3.04 -25.45 9.77
CA THR C 207 -3.94 -24.72 10.64
C THR C 207 -3.84 -23.23 10.38
N GLY C 208 -4.94 -22.51 10.64
CA GLY C 208 -4.97 -21.08 10.46
C GLY C 208 -5.59 -20.67 9.14
N ILE C 209 -4.80 -20.05 8.26
CA ILE C 209 -5.27 -19.59 6.97
C ILE C 209 -4.88 -20.62 5.92
N VAL C 210 -5.86 -21.07 5.14
CA VAL C 210 -5.61 -22.03 4.07
C VAL C 210 -5.41 -21.27 2.77
N GLU C 211 -4.54 -21.78 1.91
CA GLU C 211 -4.22 -21.14 0.64
C GLU C 211 -4.19 -22.20 -0.44
N THR C 212 -5.03 -22.03 -1.46
CA THR C 212 -5.09 -22.93 -2.60
C THR C 212 -4.64 -22.18 -3.84
N HIS C 213 -3.54 -22.63 -4.43
CA HIS C 213 -2.97 -22.03 -5.63
C HIS C 213 -3.26 -22.96 -6.80
N PHE C 214 -4.12 -22.52 -7.71
CA PHE C 214 -4.52 -23.35 -8.84
C PHE C 214 -4.48 -22.55 -10.13
N THR C 215 -4.17 -23.24 -11.22
CA THR C 215 -4.00 -22.62 -12.53
C THR C 215 -5.20 -22.93 -13.41
N PHE C 216 -5.47 -22.00 -14.33
CA PHE C 216 -6.56 -22.15 -15.29
C PHE C 216 -6.34 -21.17 -16.43
N LYS C 217 -6.40 -21.66 -17.66
CA LYS C 217 -6.21 -20.83 -18.85
C LYS C 217 -4.91 -20.03 -18.74
N ASP C 218 -3.87 -20.68 -18.23
CA ASP C 218 -2.56 -20.05 -18.07
C ASP C 218 -2.63 -18.84 -17.14
N LEU C 219 -3.40 -18.94 -16.06
CA LEU C 219 -3.54 -17.89 -15.07
C LEU C 219 -3.52 -18.53 -13.69
N HIS C 220 -2.83 -17.90 -12.75
CA HIS C 220 -2.67 -18.42 -11.40
C HIS C 220 -3.63 -17.71 -10.44
N PHE C 221 -4.47 -18.48 -9.76
CA PHE C 221 -5.38 -17.98 -8.74
C PHE C 221 -4.93 -18.48 -7.38
N LYS C 222 -4.71 -17.56 -6.45
CA LYS C 222 -4.40 -17.87 -5.06
C LYS C 222 -5.64 -17.53 -4.25
N MET C 223 -6.39 -18.55 -3.84
CA MET C 223 -7.60 -18.38 -3.06
C MET C 223 -7.27 -18.59 -1.58
N PHE C 224 -7.59 -17.60 -0.76
CA PHE C 224 -7.32 -17.65 0.68
C PHE C 224 -8.61 -17.93 1.43
N ASP C 225 -8.54 -18.85 2.39
CA ASP C 225 -9.67 -19.20 3.23
C ASP C 225 -9.30 -18.92 4.67
N VAL C 226 -10.08 -18.04 5.32
CA VAL C 226 -9.81 -17.63 6.69
C VAL C 226 -10.99 -18.05 7.57
N GLY C 227 -11.82 -18.96 7.07
CA GLY C 227 -12.97 -19.39 7.85
C GLY C 227 -12.59 -20.05 9.16
N ALA C 228 -11.37 -20.60 9.22
CA ALA C 228 -10.89 -21.27 10.42
C ALA C 228 -10.21 -20.32 11.40
N GLN C 229 -10.44 -19.02 11.27
CA GLN C 229 -9.82 -18.06 12.16
C GLN C 229 -10.56 -17.99 13.50
N ARG C 230 -11.84 -17.62 13.47
CA ARG C 230 -12.66 -17.53 14.66
C ARG C 230 -12.05 -16.56 15.68
N SER C 231 -11.97 -15.30 15.27
CA SER C 231 -11.45 -14.24 16.12
C SER C 231 -12.07 -12.92 15.67
N GLU C 232 -11.73 -11.84 16.35
CA GLU C 232 -12.28 -10.53 16.03
C GLU C 232 -11.77 -10.10 14.65
N ARG C 233 -12.65 -10.14 13.65
CA ARG C 233 -12.25 -9.88 12.28
C ARG C 233 -11.85 -8.44 12.05
N LYS C 234 -12.29 -7.52 12.91
CA LYS C 234 -12.00 -6.10 12.70
C LYS C 234 -10.51 -5.79 12.76
N LYS C 235 -9.70 -6.69 13.32
CA LYS C 235 -8.29 -6.40 13.54
C LYS C 235 -7.38 -6.82 12.40
N TRP C 236 -7.75 -7.87 11.66
CA TRP C 236 -6.91 -8.38 10.59
C TRP C 236 -7.56 -8.31 9.21
N ILE C 237 -8.77 -7.78 9.10
CA ILE C 237 -9.42 -7.71 7.79
C ILE C 237 -8.66 -6.77 6.87
N HIS C 238 -8.15 -5.67 7.41
CA HIS C 238 -7.41 -4.72 6.59
C HIS C 238 -6.19 -5.35 5.93
N CYS C 239 -5.75 -6.51 6.43
CA CYS C 239 -4.64 -7.21 5.79
C CYS C 239 -4.96 -7.60 4.35
N PHE C 240 -6.23 -7.69 4.00
CA PHE C 240 -6.64 -8.13 2.67
C PHE C 240 -7.05 -6.98 1.76
N GLU C 241 -6.55 -5.78 2.02
CA GLU C 241 -6.88 -4.62 1.18
C GLU C 241 -6.06 -4.68 -0.10
N GLY C 242 -6.68 -5.11 -1.19
CA GLY C 242 -5.99 -5.17 -2.47
C GLY C 242 -6.30 -6.41 -3.27
N VAL C 243 -7.05 -7.35 -2.69
CA VAL C 243 -7.40 -8.56 -3.43
C VAL C 243 -8.22 -8.18 -4.65
N THR C 244 -8.11 -9.02 -5.69
CA THR C 244 -8.82 -8.74 -6.94
C THR C 244 -10.33 -8.84 -6.76
N ALA C 245 -10.79 -9.62 -5.79
CA ALA C 245 -12.22 -9.79 -5.56
C ALA C 245 -12.40 -10.49 -4.22
N ILE C 246 -13.65 -10.75 -3.88
CA ILE C 246 -14.01 -11.45 -2.65
C ILE C 246 -15.08 -12.46 -3.00
N ILE C 247 -14.76 -13.74 -2.83
CA ILE C 247 -15.74 -14.81 -3.03
C ILE C 247 -16.52 -14.97 -1.72
N PHE C 248 -17.84 -14.92 -1.81
CA PHE C 248 -18.71 -15.07 -0.65
C PHE C 248 -19.66 -16.21 -0.94
N CYS C 249 -19.53 -17.30 -0.17
CA CYS C 249 -20.38 -18.47 -0.33
C CYS C 249 -21.52 -18.40 0.67
N VAL C 250 -22.72 -18.73 0.20
CA VAL C 250 -23.90 -18.75 1.06
C VAL C 250 -24.73 -19.97 0.70
N ALA C 251 -25.39 -20.54 1.70
CA ALA C 251 -26.18 -21.76 1.54
C ALA C 251 -27.65 -21.38 1.44
N LEU C 252 -28.27 -21.71 0.30
CA LEU C 252 -29.70 -21.47 0.13
C LEU C 252 -30.55 -22.46 0.91
N SER C 253 -29.95 -23.50 1.49
CA SER C 253 -30.67 -24.48 2.28
C SER C 253 -30.70 -24.12 3.77
N ASP C 254 -30.09 -23.00 4.15
CA ASP C 254 -30.07 -22.55 5.53
C ASP C 254 -30.92 -21.30 5.71
N TYR C 255 -32.07 -21.26 5.02
CA TYR C 255 -33.03 -20.18 5.23
C TYR C 255 -33.99 -20.49 6.37
N ASP C 256 -34.25 -21.77 6.65
CA ASP C 256 -35.15 -22.19 7.70
C ASP C 256 -34.43 -22.67 8.95
N LEU C 257 -33.11 -22.63 8.97
CA LEU C 257 -32.32 -23.08 10.11
C LEU C 257 -31.86 -21.90 10.95
N VAL C 258 -31.51 -22.19 12.20
CA VAL C 258 -31.01 -21.19 13.14
C VAL C 258 -29.65 -21.63 13.63
N LEU C 259 -28.98 -20.73 14.34
CA LEU C 259 -27.65 -21.01 14.87
C LEU C 259 -27.77 -21.82 16.16
N ALA C 260 -26.90 -22.83 16.29
CA ALA C 260 -26.89 -23.64 17.51
C ALA C 260 -26.57 -22.80 18.75
N GLU C 261 -25.95 -21.64 18.57
CA GLU C 261 -25.64 -20.76 19.69
C GLU C 261 -26.80 -19.81 19.99
N ASP C 262 -27.32 -19.13 18.96
CA ASP C 262 -28.43 -18.21 19.16
C ASP C 262 -29.72 -19.00 19.34
N GLU C 263 -30.79 -18.29 19.74
CA GLU C 263 -32.07 -18.91 20.03
C GLU C 263 -33.07 -18.79 18.87
N GLU C 264 -33.26 -17.59 18.32
CA GLU C 264 -34.22 -17.38 17.24
C GLU C 264 -33.64 -16.45 16.18
N MET C 265 -32.41 -16.69 15.76
CA MET C 265 -31.78 -15.95 14.68
C MET C 265 -31.56 -16.90 13.50
N ASN C 266 -32.12 -16.57 12.35
CA ASN C 266 -31.93 -17.38 11.16
C ASN C 266 -30.50 -17.28 10.67
N ARG C 267 -29.91 -18.43 10.31
CA ARG C 267 -28.58 -18.42 9.75
C ARG C 267 -28.50 -17.52 8.52
N MET C 268 -29.59 -17.44 7.74
CA MET C 268 -29.61 -16.54 6.61
C MET C 268 -29.43 -15.10 7.06
N HIS C 269 -30.03 -14.74 8.19
CA HIS C 269 -29.89 -13.38 8.69
C HIS C 269 -28.47 -13.10 9.16
N GLU C 270 -27.82 -14.09 9.77
CA GLU C 270 -26.44 -13.91 10.17
C GLU C 270 -25.54 -13.75 8.94
N SER C 271 -25.80 -14.54 7.89
CA SER C 271 -25.05 -14.38 6.65
C SER C 271 -25.29 -13.00 6.05
N MET C 272 -26.54 -12.53 6.08
CA MET C 272 -26.83 -11.19 5.58
C MET C 272 -26.07 -10.14 6.36
N LYS C 273 -26.02 -10.26 7.68
CA LYS C 273 -25.29 -9.30 8.49
C LYS C 273 -23.80 -9.32 8.16
N LEU C 274 -23.22 -10.51 8.04
CA LEU C 274 -21.81 -10.60 7.69
C LEU C 274 -21.55 -9.99 6.32
N PHE C 275 -22.46 -10.20 5.37
CA PHE C 275 -22.28 -9.63 4.05
C PHE C 275 -22.37 -8.12 4.08
N ASP C 276 -23.34 -7.57 4.82
CA ASP C 276 -23.43 -6.12 4.96
C ASP C 276 -22.17 -5.56 5.61
N SER C 277 -21.58 -6.31 6.55
CA SER C 277 -20.39 -5.83 7.24
C SER C 277 -19.18 -5.85 6.32
N ILE C 278 -19.05 -6.89 5.50
CA ILE C 278 -17.87 -7.02 4.66
C ILE C 278 -17.96 -6.14 3.43
N CYS C 279 -19.19 -5.88 2.95
CA CYS C 279 -19.35 -5.09 1.73
C CYS C 279 -19.19 -3.60 2.01
N ASN C 280 -19.86 -3.10 3.05
CA ASN C 280 -19.82 -1.69 3.39
C ASN C 280 -18.63 -1.31 4.25
N ASN C 281 -17.61 -2.16 4.31
CA ASN C 281 -16.42 -1.84 5.09
C ASN C 281 -15.58 -0.79 4.39
N LYS C 282 -14.86 0.00 5.19
CA LYS C 282 -14.05 1.07 4.64
C LYS C 282 -12.79 0.56 3.95
N TRP C 283 -12.54 -0.75 3.95
CA TRP C 283 -11.36 -1.30 3.30
C TRP C 283 -11.65 -1.94 1.95
N PHE C 284 -12.91 -2.22 1.63
CA PHE C 284 -13.29 -2.88 0.40
C PHE C 284 -14.24 -2.01 -0.42
N THR C 285 -13.95 -0.71 -0.50
CA THR C 285 -14.82 0.19 -1.23
C THR C 285 -14.78 -0.07 -2.72
N ASP C 286 -13.60 -0.39 -3.25
CA ASP C 286 -13.45 -0.59 -4.69
C ASP C 286 -13.53 -2.05 -5.12
N THR C 287 -13.04 -2.98 -4.30
CA THR C 287 -13.03 -4.38 -4.70
C THR C 287 -14.45 -4.87 -4.94
N SER C 288 -14.58 -5.79 -5.90
CA SER C 288 -15.87 -6.34 -6.25
C SER C 288 -16.22 -7.50 -5.32
N ILE C 289 -17.31 -8.18 -5.60
CA ILE C 289 -17.77 -9.31 -4.80
C ILE C 289 -18.44 -10.33 -5.71
N ILE C 290 -17.98 -11.57 -5.64
CA ILE C 290 -18.65 -12.70 -6.27
C ILE C 290 -19.45 -13.41 -5.19
N LEU C 291 -20.64 -13.89 -5.55
CA LEU C 291 -21.59 -14.43 -4.58
C LEU C 291 -22.03 -15.81 -5.07
N PHE C 292 -21.47 -16.85 -4.47
CA PHE C 292 -21.84 -18.22 -4.78
C PHE C 292 -23.00 -18.65 -3.89
N LEU C 293 -23.98 -19.32 -4.48
CA LEU C 293 -25.11 -19.87 -3.76
C LEU C 293 -25.10 -21.38 -3.92
N ASN C 294 -24.96 -22.10 -2.82
CA ASN C 294 -24.71 -23.53 -2.83
C ASN C 294 -25.96 -24.33 -2.49
N LYS C 295 -25.92 -25.61 -2.85
CA LYS C 295 -26.98 -26.55 -2.50
C LYS C 295 -28.31 -26.13 -3.11
N LYS C 296 -28.29 -25.71 -4.38
CA LYS C 296 -29.48 -25.16 -5.00
C LYS C 296 -30.61 -26.17 -5.02
N ASP C 297 -30.30 -27.45 -5.24
CA ASP C 297 -31.35 -28.46 -5.31
C ASP C 297 -31.97 -28.69 -3.93
N LEU C 298 -31.14 -28.68 -2.87
CA LEU C 298 -31.67 -28.82 -1.53
C LEU C 298 -32.62 -27.66 -1.21
N PHE C 299 -32.25 -26.45 -1.60
CA PHE C 299 -33.12 -25.30 -1.37
C PHE C 299 -34.40 -25.43 -2.17
N GLU C 300 -34.31 -25.92 -3.41
CA GLU C 300 -35.51 -26.14 -4.21
C GLU C 300 -36.46 -27.08 -3.49
N GLU C 301 -35.95 -28.22 -3.02
CA GLU C 301 -36.80 -29.17 -2.32
C GLU C 301 -37.40 -28.54 -1.06
N LYS C 302 -36.56 -27.86 -0.27
CA LYS C 302 -37.06 -27.25 0.96
C LYS C 302 -38.21 -26.29 0.66
N ILE C 303 -38.01 -25.38 -0.29
CA ILE C 303 -39.08 -24.44 -0.61
C ILE C 303 -40.28 -25.17 -1.18
N LYS C 304 -40.07 -26.31 -1.84
CA LYS C 304 -41.19 -27.13 -2.26
C LYS C 304 -41.97 -27.65 -1.07
N LYS C 305 -41.30 -27.84 0.07
CA LYS C 305 -41.98 -28.33 1.27
C LYS C 305 -42.52 -27.20 2.14
N SER C 306 -41.69 -26.20 2.47
CA SER C 306 -42.06 -25.12 3.36
C SER C 306 -42.03 -23.79 2.62
N PRO C 307 -42.76 -22.79 3.11
CA PRO C 307 -42.78 -21.48 2.45
C PRO C 307 -41.53 -20.68 2.79
N LEU C 308 -41.46 -19.46 2.24
CA LEU C 308 -40.32 -18.59 2.45
C LEU C 308 -40.57 -17.52 3.50
N THR C 309 -41.80 -17.36 3.97
CA THR C 309 -42.09 -16.34 4.97
C THR C 309 -41.48 -16.65 6.33
N ILE C 310 -40.71 -17.74 6.48
CA ILE C 310 -40.09 -18.04 7.76
C ILE C 310 -39.05 -16.99 8.12
N CYS C 311 -38.05 -16.81 7.26
CA CYS C 311 -36.96 -15.89 7.54
C CYS C 311 -37.19 -14.50 6.94
N TYR C 312 -38.34 -14.26 6.32
CA TYR C 312 -38.68 -12.94 5.79
C TYR C 312 -40.19 -12.73 5.97
N PRO C 313 -40.61 -11.94 6.96
CA PRO C 313 -42.05 -11.78 7.20
C PRO C 313 -42.79 -11.03 6.10
N GLU C 314 -42.13 -10.67 5.01
CA GLU C 314 -42.78 -9.94 3.92
C GLU C 314 -42.17 -10.41 2.60
N TYR C 315 -43.00 -10.96 1.74
CA TYR C 315 -42.53 -11.45 0.44
C TYR C 315 -43.73 -11.62 -0.48
N ALA C 316 -43.78 -10.87 -1.56
CA ALA C 316 -44.88 -10.95 -2.53
C ALA C 316 -44.49 -11.94 -3.62
N GLY C 317 -44.91 -13.20 -3.45
CA GLY C 317 -44.61 -14.24 -4.42
C GLY C 317 -45.07 -15.60 -3.96
N SER C 318 -45.37 -16.48 -4.90
CA SER C 318 -45.87 -17.81 -4.57
C SER C 318 -44.68 -18.74 -4.28
N ASN C 319 -44.98 -20.02 -4.05
CA ASN C 319 -43.96 -21.03 -3.77
C ASN C 319 -43.42 -21.54 -5.10
N THR C 320 -42.23 -21.09 -5.48
CA THR C 320 -41.60 -21.54 -6.71
C THR C 320 -40.10 -21.27 -6.62
N TYR C 321 -39.34 -22.07 -7.37
CA TYR C 321 -37.89 -21.97 -7.29
C TYR C 321 -37.39 -20.64 -7.83
N GLU C 322 -37.82 -20.28 -9.04
CA GLU C 322 -37.27 -19.09 -9.70
C GLU C 322 -37.58 -17.83 -8.92
N GLU C 323 -38.82 -17.69 -8.45
CA GLU C 323 -39.21 -16.49 -7.72
C GLU C 323 -38.37 -16.33 -6.46
N ALA C 324 -38.28 -17.39 -5.65
CA ALA C 324 -37.50 -17.30 -4.42
C ALA C 324 -36.03 -17.04 -4.71
N ALA C 325 -35.50 -17.68 -5.76
CA ALA C 325 -34.11 -17.46 -6.12
C ALA C 325 -33.86 -15.99 -6.43
N ALA C 326 -34.68 -15.42 -7.31
CA ALA C 326 -34.53 -14.01 -7.66
C ALA C 326 -34.70 -13.13 -6.44
N TYR C 327 -35.61 -13.50 -5.55
CA TYR C 327 -35.85 -12.67 -4.36
C TYR C 327 -34.62 -12.66 -3.46
N ILE C 328 -34.04 -13.83 -3.21
CA ILE C 328 -32.83 -13.88 -2.40
C ILE C 328 -31.70 -13.12 -3.08
N GLN C 329 -31.61 -13.23 -4.40
CA GLN C 329 -30.57 -12.51 -5.14
C GLN C 329 -30.71 -11.01 -4.94
N CYS C 330 -31.92 -10.48 -5.10
CA CYS C 330 -32.13 -9.05 -4.94
C CYS C 330 -31.91 -8.62 -3.50
N GLN C 331 -32.33 -9.44 -2.54
CA GLN C 331 -32.14 -9.11 -1.14
C GLN C 331 -30.66 -9.00 -0.80
N PHE C 332 -29.84 -9.92 -1.35
CA PHE C 332 -28.41 -9.85 -1.11
C PHE C 332 -27.77 -8.68 -1.86
N GLU C 333 -28.29 -8.35 -3.05
CA GLU C 333 -27.68 -7.29 -3.86
C GLU C 333 -27.99 -5.91 -3.31
N ASP C 334 -29.16 -5.71 -2.73
CA ASP C 334 -29.58 -4.39 -2.25
C ASP C 334 -28.88 -3.97 -0.96
N LEU C 335 -27.88 -4.72 -0.50
CA LEU C 335 -27.20 -4.40 0.75
C LEU C 335 -25.98 -3.53 0.58
N ASN C 336 -25.42 -3.44 -0.62
CA ASN C 336 -24.26 -2.60 -0.86
C ASN C 336 -24.69 -1.17 -1.13
N LYS C 337 -23.94 -0.21 -0.59
CA LYS C 337 -24.27 1.20 -0.70
C LYS C 337 -23.51 1.91 -1.81
N ARG C 338 -22.27 1.48 -2.10
CA ARG C 338 -21.49 2.06 -3.19
C ARG C 338 -21.97 1.51 -4.54
N LYS C 339 -23.24 1.81 -4.84
CA LYS C 339 -23.88 1.26 -6.03
C LYS C 339 -23.13 1.61 -7.30
N ASP C 340 -22.30 2.66 -7.28
CA ASP C 340 -21.61 3.12 -8.48
C ASP C 340 -20.11 2.82 -8.48
N THR C 341 -19.60 2.10 -7.48
CA THR C 341 -18.18 1.80 -7.40
C THR C 341 -17.86 0.31 -7.50
N LYS C 342 -18.75 -0.56 -7.02
CA LYS C 342 -18.51 -2.00 -7.03
C LYS C 342 -19.71 -2.71 -7.64
N GLU C 343 -19.51 -3.96 -8.02
CA GLU C 343 -20.54 -4.78 -8.62
C GLU C 343 -20.54 -6.16 -7.97
N ILE C 344 -21.71 -6.78 -7.91
CA ILE C 344 -21.90 -8.09 -7.31
C ILE C 344 -22.23 -9.08 -8.42
N TYR C 345 -21.41 -10.12 -8.56
CA TYR C 345 -21.62 -11.16 -9.54
C TYR C 345 -22.20 -12.38 -8.84
N THR C 346 -23.50 -12.58 -8.97
CA THR C 346 -24.17 -13.71 -8.32
C THR C 346 -24.09 -14.95 -9.21
N HIS C 347 -24.16 -16.12 -8.58
CA HIS C 347 -24.14 -17.37 -9.32
C HIS C 347 -24.69 -18.48 -8.45
N PHE C 348 -25.72 -19.17 -8.95
CA PHE C 348 -26.24 -20.36 -8.29
C PHE C 348 -25.44 -21.58 -8.73
N THR C 349 -25.08 -22.43 -7.77
CA THR C 349 -24.32 -23.64 -8.05
C THR C 349 -24.91 -24.80 -7.26
N CYS C 350 -24.47 -26.00 -7.61
CA CYS C 350 -24.93 -27.23 -6.98
C CYS C 350 -23.73 -28.09 -6.61
N ALA C 351 -24.00 -29.29 -6.12
CA ALA C 351 -22.92 -30.19 -5.72
C ALA C 351 -22.12 -30.66 -6.92
N THR C 352 -22.74 -30.79 -8.09
CA THR C 352 -22.09 -31.24 -9.31
C THR C 352 -22.39 -30.21 -10.40
N ASP C 353 -21.57 -29.17 -10.49
CA ASP C 353 -21.77 -28.08 -11.43
C ASP C 353 -20.80 -28.12 -12.60
N THR C 354 -19.53 -28.36 -12.34
CA THR C 354 -18.51 -28.52 -13.36
C THR C 354 -18.25 -27.24 -14.15
N LYS C 355 -18.70 -26.09 -13.64
CA LYS C 355 -18.48 -24.83 -14.32
C LYS C 355 -18.13 -23.69 -13.39
N ASN C 356 -17.97 -23.94 -12.09
CA ASN C 356 -17.72 -22.84 -11.15
C ASN C 356 -16.45 -22.08 -11.50
N VAL C 357 -15.37 -22.81 -11.80
CA VAL C 357 -14.11 -22.15 -12.11
C VAL C 357 -14.28 -21.25 -13.32
N GLN C 358 -15.10 -21.66 -14.29
CA GLN C 358 -15.31 -20.85 -15.49
C GLN C 358 -16.00 -19.54 -15.13
N PHE C 359 -17.02 -19.59 -14.26
CA PHE C 359 -17.69 -18.37 -13.85
C PHE C 359 -16.74 -17.46 -13.08
N VAL C 360 -15.92 -18.04 -12.21
CA VAL C 360 -14.96 -17.23 -11.48
C VAL C 360 -13.99 -16.55 -12.46
N PHE C 361 -13.58 -17.28 -13.48
CA PHE C 361 -12.69 -16.71 -14.50
C PHE C 361 -13.36 -15.54 -15.20
N ASP C 362 -14.61 -15.73 -15.63
CA ASP C 362 -15.32 -14.64 -16.31
C ASP C 362 -15.47 -13.43 -15.41
N ALA C 363 -15.83 -13.65 -14.15
CA ALA C 363 -15.99 -12.54 -13.22
C ALA C 363 -14.68 -11.79 -13.03
N VAL C 364 -13.58 -12.53 -12.87
CA VAL C 364 -12.28 -11.88 -12.68
C VAL C 364 -11.90 -11.09 -13.92
N THR C 365 -12.15 -11.65 -15.11
CA THR C 365 -11.84 -10.93 -16.34
C THR C 365 -12.61 -9.63 -16.40
N ASP C 366 -13.92 -9.67 -16.11
CA ASP C 366 -14.72 -8.47 -16.16
C ASP C 366 -14.24 -7.44 -15.13
N VAL C 367 -13.90 -7.90 -13.93
CA VAL C 367 -13.44 -6.98 -12.89
C VAL C 367 -12.14 -6.30 -13.32
N ILE C 368 -11.21 -7.07 -13.88
CA ILE C 368 -9.94 -6.48 -14.30
C ILE C 368 -10.14 -5.52 -15.46
N GLN C 369 -11.00 -5.87 -16.41
CA GLN C 369 -11.30 -4.96 -17.50
C GLN C 369 -11.87 -3.65 -16.97
N ARG C 370 -12.81 -3.72 -16.02
CA ARG C 370 -13.40 -2.50 -15.49
C ARG C 370 -12.38 -1.70 -14.72
N MET C 371 -11.47 -2.36 -14.01
CA MET C 371 -10.43 -1.63 -13.29
C MET C 371 -9.54 -0.87 -14.27
N HIS C 372 -9.07 -1.53 -15.32
CA HIS C 372 -8.24 -0.84 -16.30
C HIS C 372 -9.00 0.31 -16.95
N LEU C 373 -10.28 0.09 -17.29
CA LEU C 373 -11.06 1.17 -17.89
C LEU C 373 -11.12 2.37 -16.97
N ARG C 374 -11.59 2.17 -15.73
CA ARG C 374 -11.67 3.29 -14.79
C ARG C 374 -10.31 3.95 -14.60
N GLN C 375 -9.22 3.19 -14.74
CA GLN C 375 -7.90 3.80 -14.65
C GLN C 375 -7.63 4.71 -15.83
N TYR C 376 -8.02 4.28 -17.03
CA TYR C 376 -7.84 5.10 -18.23
C TYR C 376 -8.95 6.13 -18.42
N GLU C 377 -9.93 6.19 -17.51
CA GLU C 377 -11.01 7.15 -17.49
C GLU C 377 -12.03 6.91 -18.60
N LEU C 378 -11.90 5.85 -19.39
CA LEU C 378 -12.87 5.59 -20.44
C LEU C 378 -14.27 5.44 -19.86
N LEU C 379 -14.43 4.53 -18.90
CA LEU C 379 -15.73 4.31 -18.27
C LEU C 379 -15.99 5.37 -17.19
N SER D 8 -18.50 -22.00 33.24
CA SER D 8 -19.13 -20.93 34.02
C SER D 8 -18.68 -20.97 35.47
N ILE D 9 -18.87 -22.12 36.11
CA ILE D 9 -18.47 -22.26 37.51
C ILE D 9 -16.97 -22.08 37.66
N ALA D 10 -16.20 -22.85 36.89
CA ALA D 10 -14.74 -22.74 36.96
C ALA D 10 -14.28 -21.34 36.57
N GLN D 11 -14.93 -20.74 35.58
CA GLN D 11 -14.58 -19.38 35.18
C GLN D 11 -14.75 -18.40 36.33
N ALA D 12 -15.91 -18.46 37.00
CA ALA D 12 -16.15 -17.54 38.11
C ALA D 12 -15.21 -17.82 39.27
N ARG D 13 -14.91 -19.09 39.54
CA ARG D 13 -13.98 -19.42 40.61
C ARG D 13 -12.60 -18.85 40.33
N LYS D 14 -12.10 -19.04 39.11
CA LYS D 14 -10.81 -18.49 38.74
C LYS D 14 -10.83 -16.96 38.83
N LEU D 15 -11.94 -16.35 38.41
CA LEU D 15 -12.04 -14.89 38.47
C LEU D 15 -11.95 -14.38 39.91
N VAL D 16 -12.70 -15.00 40.82
CA VAL D 16 -12.69 -14.55 42.20
C VAL D 16 -11.33 -14.81 42.84
N GLU D 17 -10.70 -15.94 42.51
CA GLU D 17 -9.37 -16.22 43.05
C GLU D 17 -8.37 -15.17 42.57
N GLN D 18 -8.38 -14.86 41.27
CA GLN D 18 -7.47 -13.85 40.75
C GLN D 18 -7.72 -12.49 41.40
N LEU D 19 -8.99 -12.12 41.57
CA LEU D 19 -9.28 -10.84 42.19
C LEU D 19 -8.82 -10.80 43.64
N LYS D 20 -9.03 -11.89 44.39
CA LYS D 20 -8.57 -11.92 45.77
C LYS D 20 -7.06 -11.82 45.84
N MET D 21 -6.35 -12.49 44.93
CA MET D 21 -4.90 -12.40 44.92
C MET D 21 -4.43 -11.00 44.53
N GLU D 22 -5.18 -10.34 43.65
CA GLU D 22 -4.78 -9.02 43.18
C GLU D 22 -5.00 -7.96 44.26
N ALA D 23 -6.12 -8.04 44.98
CA ALA D 23 -6.42 -7.01 45.97
C ALA D 23 -5.36 -6.94 47.05
N ASN D 24 -4.64 -8.03 47.30
CA ASN D 24 -3.62 -8.07 48.35
C ASN D 24 -2.27 -7.73 47.74
N ILE D 25 -2.05 -6.43 47.54
CA ILE D 25 -0.79 -5.92 47.02
C ILE D 25 -0.52 -4.56 47.64
N ASP D 26 0.75 -4.30 47.95
CA ASP D 26 1.14 -3.03 48.55
C ASP D 26 1.16 -1.94 47.50
N ARG D 27 0.43 -0.86 47.75
CA ARG D 27 0.34 0.27 46.84
C ARG D 27 0.88 1.51 47.53
N ILE D 28 1.72 2.26 46.83
CA ILE D 28 2.27 3.52 47.33
C ILE D 28 1.48 4.67 46.71
N LYS D 29 1.39 5.76 47.45
CA LYS D 29 0.67 6.93 46.95
C LYS D 29 1.26 7.38 45.62
N VAL D 30 0.39 7.95 44.78
CA VAL D 30 0.83 8.41 43.47
C VAL D 30 1.98 9.40 43.60
N SER D 31 2.01 10.17 44.69
CA SER D 31 3.07 11.16 44.85
C SER D 31 4.44 10.51 44.85
N LYS D 32 4.59 9.38 45.53
CA LYS D 32 5.90 8.73 45.61
C LYS D 32 6.36 8.25 44.24
N ALA D 33 5.46 7.58 43.50
CA ALA D 33 5.82 7.09 42.18
C ALA D 33 6.15 8.24 41.24
N ALA D 34 5.35 9.30 41.27
CA ALA D 34 5.62 10.46 40.43
C ALA D 34 6.98 11.06 40.76
N ALA D 35 7.29 11.20 42.05
CA ALA D 35 8.58 11.76 42.44
C ALA D 35 9.73 10.88 41.98
N ASP D 36 9.56 9.57 42.09
CA ASP D 36 10.62 8.66 41.65
C ASP D 36 10.85 8.76 40.15
N LEU D 37 9.77 8.74 39.37
CA LEU D 37 9.91 8.87 37.92
C LEU D 37 10.54 10.21 37.56
N MET D 38 10.14 11.28 38.24
CA MET D 38 10.73 12.59 37.98
C MET D 38 12.23 12.57 38.26
N ALA D 39 12.63 12.06 39.43
CA ALA D 39 14.04 12.03 39.78
C ALA D 39 14.82 11.23 38.75
N TYR D 40 14.32 10.06 38.35
CA TYR D 40 15.05 9.26 37.38
C TYR D 40 15.18 9.99 36.05
N CYS D 41 14.06 10.45 35.49
CA CYS D 41 14.12 11.17 34.22
C CYS D 41 15.03 12.38 34.31
N GLU D 42 15.20 12.94 35.51
CA GLU D 42 16.11 14.07 35.68
C GLU D 42 17.56 13.61 35.65
N ALA D 43 17.86 12.48 36.30
CA ALA D 43 19.24 12.02 36.40
C ALA D 43 19.79 11.60 35.04
N HIS D 44 19.01 10.83 34.29
CA HIS D 44 19.46 10.27 33.01
C HIS D 44 19.11 11.15 31.82
N ALA D 45 18.97 12.46 32.03
CA ALA D 45 18.63 13.34 30.93
C ALA D 45 19.84 13.69 30.07
N LYS D 46 21.03 13.76 30.67
CA LYS D 46 22.22 14.16 29.92
C LYS D 46 22.56 13.14 28.84
N GLU D 47 22.36 11.85 29.13
CA GLU D 47 22.78 10.82 28.20
C GLU D 47 21.81 10.67 27.03
N ASP D 48 20.59 11.18 27.17
CA ASP D 48 19.60 11.00 26.12
C ASP D 48 20.05 11.69 24.84
N PRO D 49 20.10 10.99 23.70
CA PRO D 49 20.48 11.67 22.45
C PRO D 49 19.39 12.57 21.89
N LEU D 50 18.14 12.10 21.90
CA LEU D 50 17.07 12.87 21.28
C LEU D 50 16.78 14.16 22.03
N LEU D 51 16.73 14.09 23.37
CA LEU D 51 16.38 15.26 24.15
C LEU D 51 17.36 16.40 23.92
N THR D 52 18.62 16.18 24.27
CA THR D 52 19.64 17.22 24.11
C THR D 52 20.33 17.05 22.75
N PRO D 53 20.59 18.13 22.01
CA PRO D 53 21.27 17.98 20.72
C PRO D 53 22.59 17.23 20.85
N VAL D 54 22.71 16.11 20.15
CA VAL D 54 23.94 15.31 20.17
C VAL D 54 24.96 15.99 19.25
N PRO D 55 26.25 16.00 19.59
CA PRO D 55 27.23 16.61 18.70
C PRO D 55 27.15 16.04 17.29
N ALA D 56 27.31 16.90 16.30
CA ALA D 56 27.20 16.46 14.91
C ALA D 56 28.21 15.37 14.60
N SER D 57 29.44 15.49 15.13
CA SER D 57 30.45 14.49 14.86
C SER D 57 30.07 13.13 15.46
N GLU D 58 29.60 13.14 16.71
CA GLU D 58 29.22 11.88 17.35
C GLU D 58 28.00 11.25 16.69
N ASN D 59 27.15 12.06 16.06
CA ASN D 59 25.95 11.55 15.41
C ASN D 59 26.34 10.56 14.31
N PRO D 60 26.09 9.26 14.49
CA PRO D 60 26.55 8.30 13.48
C PRO D 60 25.92 8.51 12.11
N PHE D 61 24.62 8.76 12.06
CA PHE D 61 23.93 8.75 10.77
C PHE D 61 24.34 9.92 9.89
N ARG D 62 24.43 11.12 10.45
CA ARG D 62 24.76 12.30 9.64
C ARG D 62 26.13 12.15 8.99
N GLU D 63 27.18 12.11 9.80
CA GLU D 63 28.55 12.01 9.29
C GLU D 63 29.41 11.38 10.38
N LYS D 64 29.84 10.14 10.15
CA LYS D 64 30.72 9.45 11.09
C LYS D 64 31.41 8.32 10.35
N LYS D 65 32.59 7.96 10.85
CA LYS D 65 33.43 6.99 10.15
C LYS D 65 32.95 5.57 10.44
N PHE D 66 32.56 4.85 9.40
CA PHE D 66 32.05 3.50 9.53
C PHE D 66 33.04 2.50 8.93
N PHE D 67 33.01 1.28 9.45
CA PHE D 67 33.89 0.23 8.97
C PHE D 67 33.36 -1.14 9.43
CAI 5FW E . 10.25 23.40 -40.54
CAG 5FW E . 10.95 22.02 -40.51
CAJ 5FW E . 12.30 22.17 -39.90
NAD 5FW E . 10.15 21.08 -39.68
CAF 5FW E . 9.87 19.86 -40.38
CAE 5FW E . 8.71 19.18 -39.73
OAA 5FW E . 8.87 19.22 -38.30
CAH 5FW E . 8.65 17.71 -40.19
CAK 5FW E . 8.38 17.41 -41.53
CAL 5FW E . 8.88 16.68 -39.27
CAN 5FW E . 8.82 15.35 -39.70
CAO 5FW E . 8.56 15.06 -41.04
OAC 5FW E . 8.50 13.71 -41.47
CAM 5FW E . 8.33 16.09 -41.96
OAB 5FW E . 8.06 15.79 -43.33
HAI1 5FW E . 10.78 24.05 -41.14
HAI2 5FW E . 10.19 23.80 -39.51
HAI3 5FW E . 9.23 23.28 -40.94
HAG 5FW E . 11.04 21.64 -41.54
HAJ1 5FW E . 12.22 22.61 -38.94
HAJ2 5FW E . 12.91 22.82 -40.52
HAJ3 5FW E . 12.79 21.16 -39.82
HAD 5FW E . 9.31 21.49 -39.41
HAF1 5FW E . 9.63 20.06 -41.40
HAF2 5FW E . 10.74 19.21 -40.34
HAE 5FW E . 7.79 19.69 -40.00
HAA 5FW E . 8.05 18.87 -37.86
HAK 5FW E . 8.21 18.22 -42.24
HAL 5FW E . 9.09 16.91 -38.22
HAN 5FW E . 9.00 14.53 -38.98
HAC 5FW E . 8.49 13.13 -40.71
HAB 5FW E . 8.75 16.10 -43.88
#